data_9MJC
#
_entry.id   9MJC
#
_cell.length_a   73.065
_cell.length_b   89.957
_cell.length_c   165.851
_cell.angle_alpha   90.00
_cell.angle_beta   90.00
_cell.angle_gamma   90.00
#
_symmetry.space_group_name_H-M   'P 21 21 21'
#
loop_
_entity.id
_entity.type
_entity.pdbx_description
1 polymer '4D01 Fab heavy chain'
2 polymer '4D01 Fab light chain'
3 water water
#
loop_
_entity_poly.entity_id
_entity_poly.type
_entity_poly.pdbx_seq_one_letter_code
_entity_poly.pdbx_strand_id
1 'polypeptide(L)'
;QVQLVQSGAEVKKPGASVKVSCKTSGYTFTDFYMHWMRQAPGQGLEWMGWINPTGGGVNYAHKFQGRVTMTRDTSISTAY
MELSRLTSDDTGVYYCARSPARELLPLDYWGQGTLVTVSSASTKGPSVFPLAPSSKSTSGGTAALGCLVKDYFPEPVTVS
WNSGALTSGVHTFPAVLQSSGLYSLSSVVTVPSSSLGTQTYICNVNHKPSNTKVDKRVEPKSC
;
H,E
2 'polypeptide(L)'
;DIQVTQSPSSLSASVGDRVTITCRASQGISNYLAWYQQKPGKVPKLLIYGASTLQSGVPSRFSGSGSGTDFTLTISSLQP
EDFATYYCQIYETFGQGTKVDIKRTVAAPSVFIFPPSDEQLKSGTASVVCLLNNFYPREAKVQWKVDNALQSGNSQESVT
EQDSKDSTYSLSSTLTLSKADYEKHKVYACEVTQGTTSVTKSFNRGEC
;
L,F
#
# COMPACT_ATOMS: atom_id res chain seq x y z
N GLN A 1 1.09 -19.22 18.30
CA GLN A 1 1.96 -18.74 17.22
C GLN A 1 3.20 -19.63 17.05
N VAL A 2 3.58 -19.87 15.80
CA VAL A 2 4.85 -20.52 15.49
C VAL A 2 5.57 -19.63 14.49
N GLN A 3 6.78 -19.20 14.86
CA GLN A 3 7.51 -18.15 14.18
C GLN A 3 8.94 -18.58 13.86
N LEU A 4 9.42 -18.20 12.69
CA LEU A 4 10.80 -18.46 12.28
C LEU A 4 11.33 -17.20 11.61
N VAL A 5 12.32 -16.56 12.23
CA VAL A 5 12.86 -15.29 11.76
C VAL A 5 14.31 -15.51 11.34
N GLN A 6 14.63 -15.08 10.12
CA GLN A 6 15.94 -15.29 9.54
C GLN A 6 16.72 -13.98 9.49
N SER A 7 18.02 -14.10 9.22
CA SER A 7 18.90 -12.95 9.15
C SER A 7 18.69 -12.19 7.84
N GLY A 8 19.31 -11.01 7.75
CA GLY A 8 19.13 -10.16 6.61
C GLY A 8 19.83 -10.67 5.36
N ALA A 9 19.61 -9.96 4.26
CA ALA A 9 20.17 -10.35 2.98
C ALA A 9 21.69 -10.25 2.99
N GLU A 10 22.32 -11.08 2.16
CA GLU A 10 23.77 -11.16 2.09
C GLU A 10 24.22 -11.07 0.63
N VAL A 11 25.38 -10.46 0.42
CA VAL A 11 26.02 -10.38 -0.89
C VAL A 11 27.44 -10.90 -0.74
N LYS A 12 27.80 -11.89 -1.56
CA LYS A 12 29.08 -12.56 -1.44
C LYS A 12 29.77 -12.66 -2.80
N LYS A 13 31.08 -12.56 -2.78
CA LYS A 13 31.90 -12.84 -3.95
C LYS A 13 32.00 -14.35 -4.18
N PRO A 14 32.21 -14.79 -5.42
CA PRO A 14 32.38 -16.23 -5.65
C PRO A 14 33.60 -16.77 -4.91
N GLY A 15 33.45 -17.98 -4.38
CA GLY A 15 34.49 -18.60 -3.57
C GLY A 15 34.40 -18.31 -2.09
N ALA A 16 33.53 -17.38 -1.68
CA ALA A 16 33.36 -17.05 -0.27
C ALA A 16 32.30 -17.96 0.35
N SER A 17 31.90 -17.65 1.58
CA SER A 17 30.89 -18.43 2.28
C SER A 17 29.88 -17.49 2.94
N VAL A 18 28.67 -17.99 3.12
CA VAL A 18 27.58 -17.22 3.71
C VAL A 18 26.96 -18.05 4.83
N LYS A 19 26.61 -17.40 5.93
CA LYS A 19 25.97 -18.05 7.07
C LYS A 19 24.65 -17.34 7.37
N VAL A 20 23.57 -18.12 7.46
CA VAL A 20 22.23 -17.60 7.68
C VAL A 20 21.68 -18.20 8.96
N SER A 21 21.11 -17.36 9.81
CA SER A 21 20.52 -17.80 11.06
C SER A 21 19.01 -17.94 10.93
N CYS A 22 18.42 -18.70 11.86
CA CYS A 22 16.99 -18.97 11.90
C CYS A 22 16.57 -19.02 13.36
N LYS A 23 16.15 -17.86 13.89
CA LYS A 23 15.74 -17.73 15.28
C LYS A 23 14.25 -18.09 15.38
N THR A 24 13.94 -19.09 16.20
CA THR A 24 12.58 -19.60 16.32
C THR A 24 12.03 -19.31 17.72
N SER A 25 10.70 -19.28 17.80
CA SER A 25 10.02 -19.04 19.06
C SER A 25 8.61 -19.60 18.95
N GLY A 26 7.95 -19.72 20.10
CA GLY A 26 6.59 -20.20 20.16
C GLY A 26 6.42 -21.70 20.20
N TYR A 27 7.51 -22.46 20.23
CA TYR A 27 7.44 -23.91 20.33
C TYR A 27 8.76 -24.43 20.88
N THR A 28 8.73 -25.69 21.32
CA THR A 28 9.94 -26.34 21.83
C THR A 28 10.90 -26.59 20.66
N PHE A 29 12.02 -25.87 20.65
CA PHE A 29 12.92 -25.92 19.50
C PHE A 29 13.50 -27.31 19.29
N THR A 30 13.61 -28.11 20.35
CA THR A 30 14.24 -29.43 20.27
C THR A 30 13.26 -30.54 19.89
N ASP A 31 11.97 -30.25 19.79
CA ASP A 31 10.97 -31.26 19.49
C ASP A 31 10.64 -31.37 18.01
N PHE A 32 11.28 -30.58 17.16
CA PHE A 32 11.00 -30.60 15.73
C PHE A 32 12.30 -30.52 14.94
N TYR A 33 12.31 -31.15 13.77
CA TYR A 33 13.44 -31.00 12.86
C TYR A 33 13.41 -29.62 12.22
N MET A 34 14.60 -29.15 11.80
CA MET A 34 14.73 -27.89 11.09
C MET A 34 15.38 -28.16 9.75
N HIS A 35 14.68 -27.83 8.67
CA HIS A 35 15.15 -28.02 7.32
C HIS A 35 15.60 -26.70 6.72
N TRP A 36 16.38 -26.80 5.64
CA TRP A 36 16.87 -25.64 4.92
C TRP A 36 16.54 -25.79 3.44
N MET A 37 15.91 -24.76 2.88
CA MET A 37 15.45 -24.74 1.51
C MET A 37 16.15 -23.60 0.77
N ARG A 38 16.05 -23.63 -0.56
CA ARG A 38 16.49 -22.50 -1.37
C ARG A 38 15.73 -22.52 -2.68
N GLN A 39 15.55 -21.32 -3.25
CA GLN A 39 14.78 -21.15 -4.47
C GLN A 39 15.49 -20.13 -5.36
N ALA A 40 15.99 -20.59 -6.50
CA ALA A 40 16.58 -19.68 -7.47
C ALA A 40 15.51 -18.79 -8.08
N PRO A 41 15.88 -17.59 -8.53
CA PRO A 41 14.88 -16.70 -9.16
C PRO A 41 14.24 -17.37 -10.37
N GLY A 42 12.91 -17.45 -10.34
CA GLY A 42 12.15 -18.05 -11.41
C GLY A 42 12.13 -19.57 -11.40
N GLN A 43 12.75 -20.20 -10.41
CA GLN A 43 12.82 -21.64 -10.31
C GLN A 43 11.95 -22.14 -9.15
N GLY A 44 11.97 -23.45 -8.93
CA GLY A 44 11.23 -24.07 -7.86
C GLY A 44 12.06 -24.22 -6.60
N LEU A 45 11.49 -24.96 -5.64
CA LEU A 45 12.14 -25.21 -4.36
C LEU A 45 12.96 -26.49 -4.43
N GLU A 46 14.12 -26.48 -3.76
CA GLU A 46 14.91 -27.69 -3.62
C GLU A 46 15.42 -27.80 -2.18
N TRP A 47 15.59 -29.04 -1.74
CA TRP A 47 15.91 -29.35 -0.35
C TRP A 47 17.41 -29.50 -0.18
N MET A 48 17.97 -28.81 0.82
CA MET A 48 19.40 -28.83 1.08
C MET A 48 19.79 -29.77 2.21
N GLY A 49 18.97 -29.87 3.25
CA GLY A 49 19.28 -30.75 4.36
C GLY A 49 18.48 -30.35 5.59
N TRP A 50 18.62 -31.16 6.63
CA TRP A 50 17.99 -30.90 7.91
C TRP A 50 18.97 -31.19 9.03
N ILE A 51 18.66 -30.63 10.20
CA ILE A 51 19.47 -30.84 11.40
C ILE A 51 18.53 -31.18 12.56
N ASN A 52 18.85 -32.25 13.27
CA ASN A 52 18.13 -32.59 14.49
C ASN A 52 18.66 -31.73 15.64
N PRO A 53 17.85 -30.85 16.22
CA PRO A 53 18.38 -29.92 17.23
C PRO A 53 18.80 -30.58 18.53
N THR A 54 18.35 -31.80 18.81
CA THR A 54 18.69 -32.42 20.09
C THR A 54 20.18 -32.72 20.20
N GLY A 55 20.74 -33.37 19.19
CA GLY A 55 22.14 -33.74 19.23
C GLY A 55 22.99 -33.07 18.16
N GLY A 56 22.35 -32.31 17.28
CA GLY A 56 23.05 -31.64 16.21
C GLY A 56 23.32 -32.50 14.99
N GLY A 57 22.84 -33.73 14.97
CA GLY A 57 23.04 -34.57 13.79
C GLY A 57 22.34 -33.98 12.57
N VAL A 58 22.97 -34.14 11.41
CA VAL A 58 22.50 -33.53 10.18
C VAL A 58 22.35 -34.60 9.11
N ASN A 59 21.70 -34.22 8.01
CA ASN A 59 21.56 -35.11 6.85
C ASN A 59 21.48 -34.20 5.63
N TYR A 60 22.61 -34.05 4.94
CA TYR A 60 22.70 -33.16 3.79
C TYR A 60 22.30 -33.88 2.51
N ALA A 61 21.74 -33.13 1.57
CA ALA A 61 21.54 -33.65 0.23
C ALA A 61 22.88 -33.89 -0.44
N HIS A 62 22.92 -34.89 -1.32
CA HIS A 62 24.16 -35.23 -2.00
C HIS A 62 24.71 -34.08 -2.83
N LYS A 63 23.82 -33.19 -3.30
CA LYS A 63 24.26 -32.05 -4.09
C LYS A 63 25.14 -31.12 -3.27
N PHE A 64 24.80 -30.89 -2.00
CA PHE A 64 25.53 -29.98 -1.15
C PHE A 64 26.44 -30.69 -0.16
N GLN A 65 26.65 -32.00 -0.31
CA GLN A 65 27.49 -32.74 0.62
C GLN A 65 28.93 -32.24 0.56
N GLY A 66 29.49 -31.95 1.73
CA GLY A 66 30.83 -31.41 1.80
C GLY A 66 30.93 -29.93 1.52
N ARG A 67 29.81 -29.24 1.34
CA ARG A 67 29.83 -27.81 1.08
C ARG A 67 28.86 -27.02 1.95
N VAL A 68 27.98 -27.68 2.69
CA VAL A 68 27.02 -27.02 3.58
C VAL A 68 27.26 -27.50 5.00
N THR A 69 27.15 -26.57 5.95
CA THR A 69 27.31 -26.88 7.37
C THR A 69 26.09 -26.35 8.11
N MET A 70 25.39 -27.24 8.81
CA MET A 70 24.19 -26.87 9.56
C MET A 70 24.45 -27.12 11.04
N THR A 71 24.32 -26.07 11.84
CA THR A 71 24.52 -26.13 13.28
C THR A 71 23.29 -25.55 13.97
N ARG A 72 23.30 -25.55 15.29
CA ARG A 72 22.21 -24.96 16.05
C ARG A 72 22.71 -24.57 17.43
N ASP A 73 21.97 -23.69 18.09
CA ASP A 73 22.26 -23.27 19.45
C ASP A 73 20.96 -23.37 20.24
N THR A 74 20.86 -24.40 21.10
CA THR A 74 19.63 -24.65 21.84
C THR A 74 19.31 -23.52 22.81
N SER A 75 20.33 -22.86 23.36
CA SER A 75 20.10 -21.82 24.36
C SER A 75 19.32 -20.64 23.78
N ILE A 76 19.41 -20.41 22.48
CA ILE A 76 18.70 -19.33 21.82
C ILE A 76 17.71 -19.83 20.78
N SER A 77 17.54 -21.15 20.67
CA SER A 77 16.59 -21.75 19.74
C SER A 77 16.83 -21.29 18.31
N THR A 78 18.09 -21.28 17.91
CA THR A 78 18.50 -20.77 16.61
C THR A 78 19.21 -21.86 15.83
N ALA A 79 18.88 -21.97 14.54
CA ALA A 79 19.51 -22.89 13.61
C ALA A 79 20.32 -22.12 12.57
N TYR A 80 21.50 -22.61 12.26
CA TYR A 80 22.41 -21.93 11.34
C TYR A 80 22.67 -22.79 10.11
N MET A 81 22.87 -22.13 8.99
CA MET A 81 23.16 -22.79 7.72
C MET A 81 24.27 -22.02 7.02
N GLU A 82 25.37 -22.71 6.72
CA GLU A 82 26.53 -22.10 6.07
C GLU A 82 26.81 -22.83 4.77
N LEU A 83 27.03 -22.07 3.70
CA LEU A 83 27.36 -22.60 2.39
C LEU A 83 28.66 -21.99 1.94
N SER A 84 29.66 -22.83 1.69
CA SER A 84 31.01 -22.39 1.34
C SER A 84 31.23 -22.53 -0.16
N ARG A 85 32.29 -21.87 -0.64
CA ARG A 85 32.69 -21.88 -2.04
C ARG A 85 31.51 -21.54 -2.95
N LEU A 86 30.98 -20.34 -2.76
CA LEU A 86 29.77 -19.92 -3.45
C LEU A 86 30.03 -19.68 -4.93
N THR A 87 28.97 -19.82 -5.72
CA THR A 87 29.03 -19.68 -7.17
C THR A 87 27.76 -18.97 -7.63
N SER A 88 27.70 -18.66 -8.93
CA SER A 88 26.60 -17.85 -9.46
C SER A 88 25.25 -18.55 -9.24
N ASP A 89 25.18 -19.85 -9.47
CA ASP A 89 23.94 -20.59 -9.29
C ASP A 89 23.65 -20.92 -7.83
N ASP A 90 24.42 -20.35 -6.89
CA ASP A 90 24.04 -20.36 -5.48
C ASP A 90 23.18 -19.15 -5.11
N THR A 91 22.94 -18.24 -6.05
CA THR A 91 22.05 -17.11 -5.79
C THR A 91 20.61 -17.59 -5.68
N GLY A 92 19.91 -17.09 -4.67
CA GLY A 92 18.52 -17.45 -4.47
C GLY A 92 18.03 -16.97 -3.12
N VAL A 93 16.82 -17.42 -2.77
CA VAL A 93 16.20 -17.11 -1.49
C VAL A 93 16.22 -18.39 -0.66
N TYR A 94 16.83 -18.31 0.51
CA TYR A 94 16.99 -19.47 1.39
C TYR A 94 15.96 -19.42 2.52
N TYR A 95 15.35 -20.56 2.81
CA TYR A 95 14.34 -20.67 3.84
C TYR A 95 14.76 -21.70 4.89
N CYS A 96 14.20 -21.55 6.08
CA CYS A 96 14.25 -22.59 7.11
C CYS A 96 12.82 -23.00 7.43
N ALA A 97 12.54 -24.29 7.32
CA ALA A 97 11.20 -24.82 7.50
C ALA A 97 11.18 -25.86 8.61
N ARG A 98 10.09 -25.89 9.37
CA ARG A 98 9.95 -26.81 10.49
C ARG A 98 9.19 -28.06 10.05
N SER A 99 9.63 -29.21 10.56
CA SER A 99 8.96 -30.48 10.30
C SER A 99 8.80 -31.24 11.60
N PRO A 100 7.73 -32.04 11.73
CA PRO A 100 7.51 -32.74 13.00
C PRO A 100 8.44 -33.93 13.18
N ALA A 101 8.85 -34.16 14.42
CA ALA A 101 9.60 -35.34 14.83
C ALA A 101 10.75 -35.68 13.89
N ARG A 102 10.96 -36.97 13.64
CA ARG A 102 11.98 -37.43 12.70
C ARG A 102 11.41 -37.62 11.30
N GLU A 103 10.72 -36.58 10.82
CA GLU A 103 10.10 -36.56 9.51
C GLU A 103 10.69 -35.43 8.67
N LEU A 104 10.38 -35.47 7.38
CA LEU A 104 10.79 -34.42 6.46
C LEU A 104 9.70 -33.97 5.50
N LEU A 105 8.56 -34.66 5.48
CA LEU A 105 7.52 -34.38 4.50
C LEU A 105 6.69 -33.16 4.87
N PRO A 106 6.09 -33.07 6.08
CA PRO A 106 5.25 -31.90 6.40
C PRO A 106 6.09 -30.72 6.86
N LEU A 107 6.09 -29.66 6.06
CA LEU A 107 6.76 -28.41 6.41
C LEU A 107 5.66 -27.39 6.76
N ASP A 108 5.25 -27.38 8.02
CA ASP A 108 4.12 -26.57 8.45
C ASP A 108 4.44 -25.08 8.52
N TYR A 109 5.63 -24.73 9.01
CA TYR A 109 5.99 -23.32 9.20
C TYR A 109 7.33 -23.04 8.54
N TRP A 110 7.43 -21.86 7.94
CA TRP A 110 8.61 -21.46 7.19
C TRP A 110 9.09 -20.09 7.69
N GLY A 111 10.38 -19.83 7.45
CA GLY A 111 10.92 -18.51 7.70
C GLY A 111 10.59 -17.55 6.57
N GLN A 112 10.85 -16.27 6.83
CA GLN A 112 10.55 -15.24 5.83
C GLN A 112 11.52 -15.25 4.66
N GLY A 113 12.63 -15.96 4.76
CA GLY A 113 13.56 -16.07 3.66
C GLY A 113 14.74 -15.13 3.80
N THR A 114 15.85 -15.51 3.18
CA THR A 114 17.06 -14.70 3.17
C THR A 114 17.62 -14.68 1.76
N LEU A 115 17.71 -13.49 1.17
CA LEU A 115 18.23 -13.35 -0.18
C LEU A 115 19.75 -13.34 -0.16
N VAL A 116 20.37 -14.34 -0.78
CA VAL A 116 21.81 -14.43 -0.91
C VAL A 116 22.15 -14.27 -2.38
N THR A 117 22.96 -13.27 -2.69
CA THR A 117 23.36 -12.98 -4.07
C THR A 117 24.86 -13.20 -4.19
N VAL A 118 25.25 -14.07 -5.12
CA VAL A 118 26.65 -14.41 -5.34
C VAL A 118 27.02 -13.94 -6.75
N SER A 119 28.03 -13.08 -6.83
CA SER A 119 28.48 -12.55 -8.12
C SER A 119 29.82 -11.87 -7.91
N SER A 120 30.60 -11.80 -9.00
CA SER A 120 31.85 -11.04 -8.98
C SER A 120 31.63 -9.55 -8.99
N ALA A 121 30.40 -9.09 -9.23
CA ALA A 121 30.11 -7.67 -9.22
C ALA A 121 30.10 -7.13 -7.79
N SER A 122 30.28 -5.81 -7.69
CA SER A 122 30.24 -5.11 -6.41
C SER A 122 28.96 -4.27 -6.33
N THR A 123 28.55 -4.00 -5.09
CA THR A 123 27.36 -3.19 -4.85
C THR A 123 27.51 -1.82 -5.49
N LYS A 124 26.59 -1.48 -6.38
CA LYS A 124 26.66 -0.23 -7.13
C LYS A 124 25.27 0.41 -7.18
N GLY A 125 25.24 1.73 -7.05
CA GLY A 125 24.01 2.49 -7.16
C GLY A 125 23.50 2.54 -8.59
N PRO A 126 22.19 2.71 -8.74
CA PRO A 126 21.60 2.68 -10.08
C PRO A 126 21.74 4.01 -10.81
N SER A 127 21.69 3.91 -12.14
CA SER A 127 21.63 5.07 -13.03
C SER A 127 20.20 5.15 -13.58
N VAL A 128 19.48 6.18 -13.20
CA VAL A 128 18.07 6.33 -13.57
C VAL A 128 17.98 7.23 -14.79
N PHE A 129 17.44 6.69 -15.89
CA PHE A 129 17.26 7.42 -17.13
C PHE A 129 15.78 7.59 -17.44
N PRO A 130 15.40 8.69 -18.09
CA PRO A 130 13.98 8.94 -18.34
C PRO A 130 13.44 8.17 -19.54
N LEU A 131 12.22 7.67 -19.39
CA LEU A 131 11.44 7.13 -20.51
C LEU A 131 10.47 8.24 -20.94
N ALA A 132 11.02 9.21 -21.65
CA ALA A 132 10.28 10.44 -21.93
C ALA A 132 9.15 10.17 -22.93
N PRO A 133 7.95 10.66 -22.66
CA PRO A 133 6.87 10.55 -23.65
C PRO A 133 6.98 11.68 -24.68
N SER A 134 6.12 11.60 -25.69
CA SER A 134 6.11 12.60 -26.74
C SER A 134 4.95 13.58 -26.55
N SER A 137 1.34 13.12 -28.22
CA SER A 137 1.24 11.67 -28.05
C SER A 137 0.64 11.01 -29.28
N THR A 138 0.95 9.73 -29.47
CA THR A 138 0.44 8.95 -30.59
C THR A 138 -0.35 7.74 -30.13
N SER A 139 -0.99 7.82 -28.95
N SER A 139 -0.99 7.82 -28.95
CA SER A 139 -1.77 6.74 -28.40
CA SER A 139 -1.77 6.74 -28.40
C SER A 139 -3.09 7.26 -27.83
C SER A 139 -3.09 7.26 -27.83
N GLY A 140 -3.74 8.16 -28.55
CA GLY A 140 -5.01 8.69 -28.08
C GLY A 140 -4.81 9.62 -26.89
N GLY A 141 -5.77 9.60 -25.97
CA GLY A 141 -5.72 10.44 -24.79
C GLY A 141 -4.86 9.91 -23.66
N THR A 142 -4.20 8.76 -23.86
CA THR A 142 -3.35 8.16 -22.86
C THR A 142 -1.91 8.12 -23.38
N ALA A 143 -0.98 8.59 -22.55
CA ALA A 143 0.44 8.56 -22.85
C ALA A 143 1.15 7.70 -21.82
N ALA A 144 2.34 7.22 -22.18
CA ALA A 144 3.15 6.37 -21.32
C ALA A 144 4.48 7.05 -21.03
N LEU A 145 4.89 7.03 -19.77
CA LEU A 145 6.18 7.55 -19.36
C LEU A 145 6.70 6.69 -18.22
N GLY A 146 8.00 6.79 -17.96
CA GLY A 146 8.57 5.98 -16.90
C GLY A 146 10.03 6.29 -16.68
N CYS A 147 10.68 5.38 -15.95
CA CYS A 147 12.09 5.48 -15.62
C CYS A 147 12.77 4.14 -15.87
N LEU A 148 14.03 4.20 -16.30
CA LEU A 148 14.84 3.02 -16.57
C LEU A 148 15.94 2.96 -15.50
N VAL A 149 15.76 2.09 -14.52
CA VAL A 149 16.73 1.88 -13.45
C VAL A 149 17.79 0.91 -13.98
N LYS A 150 18.98 1.43 -14.25
CA LYS A 150 19.99 0.72 -15.03
C LYS A 150 21.25 0.49 -14.21
N ASP A 151 21.81 -0.72 -14.33
CA ASP A 151 23.15 -1.06 -13.83
C ASP A 151 23.27 -0.84 -12.32
N TYR A 152 22.49 -1.61 -11.56
CA TYR A 152 22.57 -1.59 -10.11
C TYR A 152 22.76 -3.00 -9.59
N PHE A 153 23.39 -3.10 -8.42
CA PHE A 153 23.68 -4.39 -7.81
C PHE A 153 23.76 -4.21 -6.29
N PRO A 154 23.16 -5.12 -5.52
CA PRO A 154 22.31 -6.24 -5.92
C PRO A 154 20.83 -5.86 -5.84
N GLU A 155 19.94 -6.84 -5.91
CA GLU A 155 18.53 -6.60 -5.66
C GLU A 155 18.31 -6.28 -4.19
N PRO A 156 17.21 -5.60 -3.85
CA PRO A 156 16.17 -5.04 -4.72
C PRO A 156 16.18 -3.52 -4.79
N VAL A 157 15.32 -2.95 -5.63
CA VAL A 157 15.05 -1.52 -5.66
C VAL A 157 13.54 -1.32 -5.61
N THR A 158 13.13 -0.19 -5.03
CA THR A 158 11.72 0.18 -4.93
C THR A 158 11.51 1.48 -5.68
N VAL A 159 10.47 1.52 -6.51
CA VAL A 159 10.16 2.68 -7.33
C VAL A 159 8.76 3.16 -6.98
N SER A 160 8.65 4.43 -6.61
CA SER A 160 7.37 5.11 -6.42
C SER A 160 7.31 6.31 -7.35
N TRP A 161 6.12 6.90 -7.46
CA TRP A 161 5.92 8.04 -8.33
C TRP A 161 5.30 9.18 -7.55
N ASN A 162 5.91 10.37 -7.66
CA ASN A 162 5.45 11.56 -6.96
C ASN A 162 5.33 11.31 -5.46
N SER A 163 6.35 10.65 -4.90
CA SER A 163 6.39 10.31 -3.48
C SER A 163 5.17 9.50 -3.06
N GLY A 164 4.73 8.59 -3.93
CA GLY A 164 3.57 7.77 -3.66
C GLY A 164 2.23 8.40 -3.98
N ALA A 165 2.22 9.66 -4.41
CA ALA A 165 0.95 10.31 -4.76
C ALA A 165 0.36 9.75 -6.04
N LEU A 166 1.21 9.24 -6.94
CA LEU A 166 0.78 8.67 -8.21
C LEU A 166 0.94 7.16 -8.13
N THR A 167 -0.18 6.44 -8.02
CA THR A 167 -0.18 4.99 -7.95
C THR A 167 -1.02 4.32 -9.03
N SER A 168 -2.06 4.98 -9.54
CA SER A 168 -2.89 4.39 -10.57
C SER A 168 -2.10 4.25 -11.87
N GLY A 169 -2.26 3.09 -12.52
CA GLY A 169 -1.62 2.85 -13.79
C GLY A 169 -0.13 2.63 -13.73
N VAL A 170 0.43 2.39 -12.55
CA VAL A 170 1.87 2.21 -12.39
C VAL A 170 2.20 0.73 -12.46
N HIS A 171 3.14 0.37 -13.34
CA HIS A 171 3.62 -1.00 -13.49
C HIS A 171 5.14 -0.99 -13.30
N THR A 172 5.60 -1.65 -12.24
CA THR A 172 7.03 -1.78 -11.96
C THR A 172 7.42 -3.22 -12.28
N PHE A 173 8.19 -3.40 -13.34
CA PHE A 173 8.51 -4.71 -13.86
C PHE A 173 9.65 -5.36 -13.09
N PRO A 174 9.70 -6.70 -13.05
CA PRO A 174 10.83 -7.37 -12.41
C PRO A 174 12.14 -7.07 -13.11
N ALA A 175 13.21 -7.00 -12.33
CA ALA A 175 14.52 -6.71 -12.88
C ALA A 175 15.05 -7.89 -13.68
N VAL A 176 15.91 -7.58 -14.65
CA VAL A 176 16.57 -8.59 -15.47
C VAL A 176 18.06 -8.50 -15.19
N LEU A 177 18.72 -9.66 -15.20
CA LEU A 177 20.16 -9.74 -14.95
C LEU A 177 20.88 -9.64 -16.29
N GLN A 178 21.62 -8.56 -16.48
CA GLN A 178 22.35 -8.33 -17.72
C GLN A 178 23.61 -9.20 -17.77
N SER A 179 24.20 -9.27 -18.97
CA SER A 179 25.41 -10.06 -19.15
C SER A 179 26.59 -9.51 -18.35
N SER A 180 26.51 -8.26 -17.93
CA SER A 180 27.56 -7.64 -17.11
C SER A 180 27.42 -7.98 -15.63
N GLY A 181 26.38 -8.70 -15.24
CA GLY A 181 26.15 -9.01 -13.85
C GLY A 181 25.42 -7.94 -13.07
N LEU A 182 24.91 -6.90 -13.74
CA LEU A 182 24.16 -5.83 -13.10
C LEU A 182 22.68 -5.95 -13.46
N TYR A 183 21.83 -5.66 -12.49
CA TYR A 183 20.39 -5.73 -12.69
C TYR A 183 19.88 -4.43 -13.33
N SER A 184 18.72 -4.55 -13.97
CA SER A 184 18.09 -3.40 -14.61
C SER A 184 16.60 -3.67 -14.74
N LEU A 185 15.78 -2.72 -14.29
CA LEU A 185 14.33 -2.82 -14.44
C LEU A 185 13.78 -1.48 -14.90
N SER A 186 12.50 -1.49 -15.25
CA SER A 186 11.80 -0.29 -15.68
C SER A 186 10.48 -0.17 -14.92
N SER A 187 10.08 1.06 -14.65
CA SER A 187 8.80 1.37 -14.04
C SER A 187 8.08 2.37 -14.94
N VAL A 188 6.83 2.06 -15.29
CA VAL A 188 6.06 2.89 -16.21
C VAL A 188 4.73 3.26 -15.56
N VAL A 189 4.14 4.33 -16.09
CA VAL A 189 2.84 4.80 -15.63
C VAL A 189 2.13 5.45 -16.82
N THR A 190 0.85 5.12 -16.99
CA THR A 190 0.03 5.70 -18.04
C THR A 190 -0.76 6.88 -17.48
N VAL A 191 -0.62 8.04 -18.12
CA VAL A 191 -1.21 9.28 -17.64
C VAL A 191 -1.96 9.93 -18.80
N PRO A 192 -2.94 10.78 -18.50
CA PRO A 192 -3.60 11.53 -19.57
C PRO A 192 -2.61 12.37 -20.35
N SER A 193 -2.75 12.36 -21.68
CA SER A 193 -1.82 13.06 -22.55
C SER A 193 -1.90 14.57 -22.39
N SER A 194 -3.03 15.10 -21.92
CA SER A 194 -3.20 16.53 -21.74
C SER A 194 -2.38 17.11 -20.60
N SER A 195 -1.79 16.26 -19.75
CA SER A 195 -1.04 16.71 -18.59
C SER A 195 0.46 16.54 -18.76
N LEU A 196 0.94 16.19 -19.96
CA LEU A 196 2.36 15.93 -20.14
C LEU A 196 3.19 17.20 -19.92
N GLY A 197 2.73 18.33 -20.44
CA GLY A 197 3.46 19.57 -20.34
C GLY A 197 3.28 20.36 -19.07
N THR A 198 2.32 19.98 -18.22
CA THR A 198 2.02 20.74 -17.01
C THR A 198 2.23 19.94 -15.74
N GLN A 199 1.73 18.70 -15.68
CA GLN A 199 1.91 17.88 -14.50
C GLN A 199 3.35 17.39 -14.41
N THR A 200 3.93 17.52 -13.22
CA THR A 200 5.30 17.08 -12.96
C THR A 200 5.31 15.63 -12.51
N TYR A 201 6.08 14.80 -13.20
CA TYR A 201 6.21 13.39 -12.89
C TYR A 201 7.63 13.10 -12.47
N ILE A 202 7.79 12.55 -11.26
CA ILE A 202 9.10 12.23 -10.70
C ILE A 202 9.06 10.80 -10.18
N CYS A 203 10.02 9.99 -10.59
CA CYS A 203 10.15 8.62 -10.09
C CYS A 203 11.17 8.60 -8.95
N ASN A 204 10.80 7.98 -7.84
CA ASN A 204 11.65 7.88 -6.66
C ASN A 204 12.17 6.45 -6.58
N VAL A 205 13.45 6.28 -6.88
CA VAL A 205 14.10 4.98 -6.86
C VAL A 205 14.96 4.89 -5.60
N ASN A 206 14.75 3.83 -4.82
CA ASN A 206 15.50 3.61 -3.59
C ASN A 206 16.22 2.28 -3.69
N HIS A 207 17.54 2.32 -3.49
CA HIS A 207 18.39 1.13 -3.53
C HIS A 207 19.07 1.03 -2.17
N LYS A 208 18.38 0.37 -1.22
CA LYS A 208 18.91 0.23 0.13
C LYS A 208 20.29 -0.43 0.21
N PRO A 209 20.60 -1.48 -0.57
CA PRO A 209 21.94 -2.09 -0.44
C PRO A 209 23.09 -1.11 -0.61
N SER A 210 22.96 -0.13 -1.51
CA SER A 210 23.98 0.90 -1.66
C SER A 210 23.63 2.20 -0.94
N ASN A 211 22.49 2.23 -0.24
CA ASN A 211 22.05 3.44 0.47
C ASN A 211 21.97 4.64 -0.47
N THR A 212 21.45 4.41 -1.67
CA THR A 212 21.33 5.44 -2.69
C THR A 212 19.86 5.63 -3.05
N LYS A 213 19.40 6.87 -3.00
CA LYS A 213 18.06 7.23 -3.44
C LYS A 213 18.18 8.23 -4.57
N VAL A 214 17.54 7.92 -5.71
CA VAL A 214 17.61 8.76 -6.90
C VAL A 214 16.19 9.22 -7.23
N ASP A 215 16.02 10.55 -7.34
CA ASP A 215 14.79 11.15 -7.82
C ASP A 215 15.04 11.71 -9.21
N LYS A 216 14.21 11.33 -10.16
CA LYS A 216 14.38 11.72 -11.55
C LYS A 216 13.07 12.27 -12.09
N ARG A 217 13.12 13.47 -12.68
CA ARG A 217 11.96 14.06 -13.31
C ARG A 217 11.94 13.67 -14.79
N VAL A 218 10.79 13.18 -15.24
CA VAL A 218 10.60 12.76 -16.62
C VAL A 218 9.83 13.88 -17.34
N GLU A 219 10.49 14.51 -18.31
CA GLU A 219 9.90 15.60 -19.07
C GLU A 219 9.62 15.17 -20.50
N PRO A 220 8.54 15.65 -21.11
CA PRO A 220 8.25 15.31 -22.51
C PRO A 220 9.27 15.95 -23.45
N LYS A 221 9.45 15.31 -24.59
CA LYS A 221 10.37 15.82 -25.60
C LYS A 221 9.63 16.61 -26.68
N ILE B 2 14.12 -40.93 -6.60
CA ILE B 2 12.69 -40.65 -6.65
C ILE B 2 12.44 -39.35 -7.41
N GLN B 3 11.64 -39.43 -8.48
CA GLN B 3 11.44 -38.31 -9.38
C GLN B 3 10.00 -37.85 -9.34
N VAL B 4 9.77 -36.62 -9.81
CA VAL B 4 8.47 -35.97 -9.76
C VAL B 4 8.16 -35.35 -11.12
N THR B 5 6.94 -35.55 -11.59
CA THR B 5 6.42 -34.89 -12.78
C THR B 5 5.10 -34.23 -12.43
N GLN B 6 5.05 -32.90 -12.53
CA GLN B 6 3.88 -32.13 -12.14
C GLN B 6 3.22 -31.53 -13.38
N SER B 7 1.92 -31.71 -13.51
CA SER B 7 1.16 -31.29 -14.67
C SER B 7 -0.20 -30.77 -14.21
N PRO B 8 -0.75 -29.75 -14.89
CA PRO B 8 -0.18 -28.99 -16.01
C PRO B 8 0.83 -27.95 -15.54
N SER B 9 1.69 -27.44 -16.44
CA SER B 9 2.61 -26.39 -16.04
C SER B 9 1.85 -25.11 -15.67
N SER B 10 0.78 -24.80 -16.41
CA SER B 10 -0.01 -23.60 -16.16
C SER B 10 -1.40 -23.80 -16.71
N LEU B 11 -2.41 -23.47 -15.90
CA LEU B 11 -3.80 -23.51 -16.33
C LEU B 11 -4.48 -22.19 -16.00
N SER B 12 -5.54 -21.88 -16.73
CA SER B 12 -6.33 -20.69 -16.50
C SER B 12 -7.76 -21.10 -16.21
N ALA B 13 -8.31 -20.59 -15.09
CA ALA B 13 -9.66 -20.94 -14.67
C ALA B 13 -10.32 -19.73 -14.03
N SER B 14 -11.64 -19.69 -14.09
CA SER B 14 -12.43 -18.61 -13.52
C SER B 14 -12.73 -18.89 -12.04
N VAL B 15 -13.20 -17.86 -11.36
CA VAL B 15 -13.56 -17.98 -9.95
C VAL B 15 -14.77 -18.90 -9.81
N GLY B 16 -14.71 -19.83 -8.87
CA GLY B 16 -15.77 -20.78 -8.65
C GLY B 16 -15.62 -22.08 -9.43
N ASP B 17 -14.62 -22.19 -10.30
CA ASP B 17 -14.41 -23.40 -11.05
C ASP B 17 -13.77 -24.49 -10.20
N ARG B 18 -13.82 -25.72 -10.69
CA ARG B 18 -13.19 -26.86 -10.04
C ARG B 18 -11.92 -27.22 -10.81
N VAL B 19 -10.77 -27.12 -10.16
CA VAL B 19 -9.49 -27.36 -10.80
C VAL B 19 -8.83 -28.58 -10.16
N THR B 20 -8.02 -29.26 -10.96
CA THR B 20 -7.29 -30.45 -10.50
C THR B 20 -5.85 -30.37 -10.96
N ILE B 21 -4.92 -30.51 -10.03
CA ILE B 21 -3.49 -30.50 -10.31
C ILE B 21 -2.93 -31.87 -9.95
N THR B 22 -2.32 -32.53 -10.92
CA THR B 22 -1.79 -33.87 -10.74
C THR B 22 -0.26 -33.84 -10.79
N CYS B 23 0.35 -34.55 -9.85
CA CYS B 23 1.81 -34.73 -9.86
C CYS B 23 2.11 -36.18 -9.54
N ARG B 24 2.99 -36.79 -10.32
CA ARG B 24 3.20 -38.23 -10.32
C ARG B 24 4.64 -38.56 -9.94
N ALA B 25 4.79 -39.60 -9.12
CA ALA B 25 6.10 -40.12 -8.76
C ALA B 25 6.51 -41.23 -9.72
N SER B 26 7.80 -41.54 -9.71
CA SER B 26 8.36 -42.55 -10.61
C SER B 26 8.32 -43.96 -10.03
N GLN B 27 7.87 -44.12 -8.78
CA GLN B 27 7.85 -45.42 -8.12
C GLN B 27 6.92 -45.34 -6.92
N GLY B 28 6.79 -46.46 -6.22
CA GLY B 28 5.95 -46.53 -5.03
C GLY B 28 6.41 -45.61 -3.92
N ILE B 29 5.49 -44.80 -3.41
CA ILE B 29 5.83 -43.77 -2.41
C ILE B 29 4.86 -43.81 -1.24
N SER B 30 4.09 -44.90 -1.13
CA SER B 30 2.99 -45.00 -0.18
C SER B 30 2.14 -43.72 -0.18
N ASN B 31 2.19 -42.95 0.90
CA ASN B 31 1.46 -41.69 1.03
C ASN B 31 2.39 -40.57 1.49
N TYR B 32 3.58 -40.51 0.90
CA TYR B 32 4.57 -39.49 1.28
C TYR B 32 4.57 -38.34 0.26
N LEU B 33 3.47 -37.59 0.24
CA LEU B 33 3.33 -36.47 -0.69
C LEU B 33 2.62 -35.31 -0.01
N ALA B 34 3.20 -34.11 -0.15
CA ALA B 34 2.62 -32.89 0.40
C ALA B 34 2.38 -31.86 -0.70
N TRP B 35 1.45 -30.95 -0.44
CA TRP B 35 1.11 -29.87 -1.35
C TRP B 35 1.37 -28.53 -0.68
N TYR B 36 1.89 -27.58 -1.46
CA TYR B 36 2.20 -26.24 -0.97
C TYR B 36 1.68 -25.20 -1.94
N GLN B 37 1.33 -24.03 -1.39
CA GLN B 37 0.89 -22.88 -2.17
C GLN B 37 1.89 -21.75 -1.96
N GLN B 38 2.31 -21.12 -3.06
CA GLN B 38 3.24 -20.00 -2.99
C GLN B 38 2.75 -18.90 -3.92
N LYS B 39 2.53 -17.72 -3.37
CA LYS B 39 2.23 -16.53 -4.14
C LYS B 39 3.53 -15.79 -4.47
N PRO B 40 3.55 -15.01 -5.55
CA PRO B 40 4.79 -14.32 -5.93
C PRO B 40 5.29 -13.40 -4.81
N GLY B 41 6.60 -13.46 -4.58
CA GLY B 41 7.20 -12.67 -3.52
C GLY B 41 6.77 -13.06 -2.13
N LYS B 42 6.20 -14.25 -1.95
CA LYS B 42 5.66 -14.70 -0.68
C LYS B 42 6.38 -15.97 -0.23
N VAL B 43 5.91 -16.52 0.89
CA VAL B 43 6.52 -17.69 1.53
C VAL B 43 5.63 -18.90 1.28
N PRO B 44 6.20 -20.06 0.97
CA PRO B 44 5.36 -21.26 0.75
C PRO B 44 4.53 -21.60 1.98
N LYS B 45 3.31 -22.08 1.74
CA LYS B 45 2.35 -22.40 2.78
C LYS B 45 1.90 -23.85 2.60
N LEU B 46 1.88 -24.60 3.71
CA LEU B 46 1.48 -26.00 3.66
C LEU B 46 -0.03 -26.11 3.59
N LEU B 47 -0.52 -26.86 2.60
CA LEU B 47 -1.95 -27.11 2.44
C LEU B 47 -2.35 -28.50 2.92
N ILE B 48 -1.74 -29.54 2.35
CA ILE B 48 -2.05 -30.93 2.67
C ILE B 48 -0.73 -31.67 2.82
N TYR B 49 -0.62 -32.52 3.84
CA TYR B 49 0.67 -33.14 4.12
C TYR B 49 0.70 -34.65 3.89
N GLY B 50 -0.22 -35.44 4.46
CA GLY B 50 -0.03 -36.86 4.30
C GLY B 50 -0.29 -37.38 2.90
N ALA B 51 -1.55 -37.57 2.53
CA ALA B 51 -1.98 -37.59 1.14
C ALA B 51 -3.35 -36.97 0.91
N SER B 52 -4.17 -36.87 1.96
CA SER B 52 -5.45 -36.18 1.91
C SER B 52 -5.71 -35.39 3.17
N THR B 53 -4.80 -35.44 4.15
CA THR B 53 -5.01 -34.84 5.46
C THR B 53 -4.82 -33.34 5.37
N LEU B 54 -5.91 -32.59 5.45
CA LEU B 54 -5.85 -31.15 5.31
C LEU B 54 -5.18 -30.54 6.54
N GLN B 55 -4.24 -29.63 6.31
CA GLN B 55 -3.60 -28.90 7.39
C GLN B 55 -4.62 -27.99 8.07
N SER B 56 -4.46 -27.82 9.38
CA SER B 56 -5.35 -26.95 10.13
C SER B 56 -5.27 -25.52 9.61
N GLY B 57 -6.43 -24.91 9.42
CA GLY B 57 -6.53 -23.55 8.92
C GLY B 57 -6.77 -23.42 7.44
N VAL B 58 -6.50 -24.47 6.67
CA VAL B 58 -6.74 -24.46 5.23
C VAL B 58 -8.23 -24.64 4.98
N PRO B 59 -8.84 -23.85 4.09
CA PRO B 59 -10.28 -23.99 3.84
C PRO B 59 -10.64 -25.33 3.25
N SER B 60 -11.90 -25.72 3.46
CA SER B 60 -12.36 -27.05 3.08
C SER B 60 -12.34 -27.28 1.57
N ARG B 61 -12.29 -26.21 0.77
CA ARG B 61 -12.30 -26.37 -0.68
C ARG B 61 -11.07 -27.11 -1.19
N PHE B 62 -9.99 -27.13 -0.42
CA PHE B 62 -8.78 -27.85 -0.78
C PHE B 62 -8.91 -29.30 -0.35
N SER B 63 -8.76 -30.22 -1.29
CA SER B 63 -8.86 -31.65 -1.02
C SER B 63 -7.72 -32.38 -1.71
N GLY B 64 -7.26 -33.45 -1.07
CA GLY B 64 -6.23 -34.30 -1.62
C GLY B 64 -6.76 -35.71 -1.80
N SER B 65 -6.18 -36.43 -2.76
CA SER B 65 -6.57 -37.81 -3.02
C SER B 65 -5.50 -38.44 -3.91
N GLY B 66 -5.55 -39.77 -4.00
CA GLY B 66 -4.62 -40.48 -4.86
C GLY B 66 -3.87 -41.60 -4.16
N SER B 67 -3.64 -42.69 -4.88
CA SER B 67 -2.86 -43.81 -4.38
C SER B 67 -1.94 -44.31 -5.49
N GLY B 68 -0.81 -44.87 -5.09
CA GLY B 68 0.16 -45.34 -6.06
C GLY B 68 1.07 -44.23 -6.53
N THR B 69 0.78 -43.66 -7.70
CA THR B 69 1.55 -42.54 -8.23
C THR B 69 0.66 -41.46 -8.83
N ASP B 70 -0.65 -41.47 -8.56
CA ASP B 70 -1.55 -40.49 -9.17
C ASP B 70 -1.54 -39.17 -8.41
N PHE B 71 -2.03 -39.17 -7.17
CA PHE B 71 -1.86 -38.07 -6.22
C PHE B 71 -2.28 -36.72 -6.81
N THR B 72 -3.58 -36.59 -7.06
CA THR B 72 -4.15 -35.35 -7.56
C THR B 72 -4.31 -34.33 -6.44
N LEU B 73 -4.76 -33.13 -6.81
CA LEU B 73 -5.08 -32.06 -5.88
C LEU B 73 -6.26 -31.29 -6.45
N THR B 74 -7.40 -31.31 -5.76
CA THR B 74 -8.63 -30.75 -6.27
C THR B 74 -9.07 -29.57 -5.41
N ILE B 75 -9.37 -28.45 -6.07
CA ILE B 75 -10.00 -27.30 -5.43
C ILE B 75 -11.44 -27.26 -5.94
N SER B 76 -12.40 -27.47 -5.05
CA SER B 76 -13.79 -27.61 -5.46
C SER B 76 -14.33 -26.30 -6.04
N SER B 77 -14.16 -25.19 -5.31
CA SER B 77 -14.65 -23.89 -5.73
C SER B 77 -13.50 -22.89 -5.63
N LEU B 78 -13.00 -22.44 -6.78
CA LEU B 78 -11.87 -21.53 -6.81
C LEU B 78 -12.25 -20.18 -6.22
N GLN B 79 -11.28 -19.52 -5.61
CA GLN B 79 -11.47 -18.25 -4.92
C GLN B 79 -10.41 -17.25 -5.38
N PRO B 80 -10.67 -15.96 -5.24
CA PRO B 80 -9.69 -14.95 -5.70
C PRO B 80 -8.32 -15.09 -5.05
N GLU B 81 -8.27 -15.56 -3.81
CA GLU B 81 -7.00 -15.72 -3.10
C GLU B 81 -6.32 -17.05 -3.38
N ASP B 82 -6.93 -17.91 -4.20
CA ASP B 82 -6.36 -19.20 -4.55
C ASP B 82 -5.54 -19.17 -5.83
N PHE B 83 -5.39 -18.00 -6.47
CA PHE B 83 -4.62 -17.88 -7.70
C PHE B 83 -3.15 -17.71 -7.34
N ALA B 84 -2.38 -18.77 -7.49
CA ALA B 84 -0.96 -18.79 -7.14
C ALA B 84 -0.33 -20.02 -7.79
N THR B 85 0.91 -20.30 -7.41
CA THR B 85 1.63 -21.48 -7.90
C THR B 85 1.64 -22.55 -6.82
N TYR B 86 1.37 -23.79 -7.24
CA TYR B 86 1.28 -24.92 -6.32
C TYR B 86 2.40 -25.91 -6.58
N TYR B 87 2.99 -26.42 -5.50
CA TYR B 87 4.07 -27.40 -5.57
C TYR B 87 3.67 -28.67 -4.85
N CYS B 88 4.20 -29.80 -5.32
CA CYS B 88 4.07 -31.07 -4.63
C CYS B 88 5.45 -31.56 -4.21
N GLN B 89 5.51 -32.21 -3.05
CA GLN B 89 6.77 -32.67 -2.48
C GLN B 89 6.74 -34.18 -2.31
N ILE B 90 7.74 -34.85 -2.85
CA ILE B 90 7.94 -36.29 -2.69
C ILE B 90 9.27 -36.48 -1.98
N TYR B 91 9.22 -36.84 -0.69
CA TYR B 91 10.42 -36.94 0.13
C TYR B 91 11.24 -35.65 0.05
N GLU B 92 12.41 -35.72 -0.57
CA GLU B 92 13.32 -34.59 -0.67
C GLU B 92 13.27 -33.90 -2.03
N THR B 93 12.32 -34.27 -2.88
CA THR B 93 12.22 -33.73 -4.23
C THR B 93 10.93 -32.95 -4.38
N PHE B 94 11.02 -31.75 -4.94
CA PHE B 94 9.85 -30.90 -5.19
C PHE B 94 9.54 -30.85 -6.68
N GLY B 95 8.26 -30.68 -7.00
CA GLY B 95 7.82 -30.64 -8.38
C GLY B 95 8.13 -29.31 -9.04
N GLN B 96 7.97 -29.31 -10.37
CA GLN B 96 8.21 -28.09 -11.14
C GLN B 96 7.24 -26.98 -10.75
N GLY B 97 5.98 -27.32 -10.54
CA GLY B 97 5.00 -26.34 -10.12
C GLY B 97 3.88 -26.13 -11.12
N THR B 98 2.70 -25.75 -10.63
CA THR B 98 1.55 -25.47 -11.47
C THR B 98 1.07 -24.05 -11.18
N LYS B 99 1.02 -23.22 -12.21
CA LYS B 99 0.56 -21.84 -12.06
C LYS B 99 -0.94 -21.77 -12.36
N VAL B 100 -1.70 -21.22 -11.41
CA VAL B 100 -3.14 -21.06 -11.56
C VAL B 100 -3.41 -19.62 -11.99
N ASP B 101 -4.08 -19.43 -13.12
CA ASP B 101 -4.26 -18.06 -13.66
C ASP B 101 -5.75 -17.69 -13.64
N ILE B 102 -6.06 -16.40 -13.52
CA ILE B 102 -7.48 -15.95 -13.61
C ILE B 102 -7.88 -15.88 -15.08
N LYS B 103 -8.96 -16.56 -15.45
CA LYS B 103 -9.44 -16.53 -16.86
C LYS B 103 -10.10 -15.18 -17.12
N ARG B 104 -9.87 -14.62 -18.30
CA ARG B 104 -10.43 -13.31 -18.66
C ARG B 104 -10.50 -13.19 -20.18
N THR B 105 -11.14 -12.13 -20.67
CA THR B 105 -11.30 -11.92 -22.14
C THR B 105 -9.94 -11.63 -22.78
N VAL B 106 -9.81 -11.86 -24.08
CA VAL B 106 -8.53 -11.49 -24.74
C VAL B 106 -8.49 -9.96 -24.84
N ALA B 107 -7.32 -9.37 -24.65
CA ALA B 107 -7.12 -7.94 -24.69
C ALA B 107 -5.85 -7.62 -25.46
N ALA B 108 -5.97 -6.73 -26.45
CA ALA B 108 -4.80 -6.30 -27.19
C ALA B 108 -3.98 -5.33 -26.35
N PRO B 109 -2.65 -5.49 -26.33
CA PRO B 109 -1.82 -4.57 -25.54
C PRO B 109 -1.78 -3.19 -26.14
N SER B 110 -1.56 -2.19 -25.27
CA SER B 110 -1.24 -0.83 -25.70
C SER B 110 0.27 -0.74 -25.82
N VAL B 111 0.77 -0.63 -27.04
CA VAL B 111 2.20 -0.71 -27.33
C VAL B 111 2.78 0.68 -27.37
N PHE B 112 3.83 0.90 -26.58
CA PHE B 112 4.60 2.14 -26.58
C PHE B 112 6.07 1.79 -26.78
N ILE B 113 6.79 2.65 -27.48
CA ILE B 113 8.22 2.47 -27.68
C ILE B 113 8.94 3.74 -27.25
N PHE B 114 10.02 3.57 -26.50
CA PHE B 114 10.78 4.68 -25.93
C PHE B 114 12.18 4.70 -26.52
N PRO B 115 12.58 5.74 -27.24
CA PRO B 115 13.96 5.84 -27.70
C PRO B 115 14.90 6.02 -26.53
N PRO B 116 16.18 5.64 -26.68
CA PRO B 116 17.14 5.86 -25.59
C PRO B 116 17.24 7.34 -25.26
N SER B 117 17.35 7.63 -23.96
CA SER B 117 17.48 9.01 -23.52
C SER B 117 18.81 9.59 -23.96
N ASP B 118 18.82 10.90 -24.20
CA ASP B 118 20.06 11.58 -24.55
C ASP B 118 21.09 11.45 -23.43
N GLU B 119 20.64 11.41 -22.17
CA GLU B 119 21.56 11.25 -21.06
C GLU B 119 22.31 9.93 -21.13
N GLN B 120 21.62 8.85 -21.49
CA GLN B 120 22.28 7.55 -21.56
C GLN B 120 23.21 7.46 -22.76
N LEU B 121 22.88 8.16 -23.86
CA LEU B 121 23.74 8.10 -25.05
C LEU B 121 25.13 8.65 -24.77
N LYS B 122 25.25 9.58 -23.83
CA LYS B 122 26.56 10.18 -23.55
C LYS B 122 27.50 9.21 -22.84
N SER B 123 26.97 8.16 -22.22
CA SER B 123 27.80 7.17 -21.54
C SER B 123 28.26 6.04 -22.45
N GLY B 124 27.78 5.99 -23.69
CA GLY B 124 28.22 5.01 -24.65
C GLY B 124 27.31 3.80 -24.85
N THR B 125 26.16 3.77 -24.19
CA THR B 125 25.22 2.67 -24.33
C THR B 125 23.82 3.22 -24.60
N ALA B 126 23.10 2.58 -25.51
CA ALA B 126 21.74 2.96 -25.85
C ALA B 126 20.79 1.83 -25.51
N SER B 127 19.75 2.14 -24.75
CA SER B 127 18.72 1.17 -24.37
C SER B 127 17.36 1.70 -24.83
N VAL B 128 16.73 0.97 -25.74
CA VAL B 128 15.39 1.30 -26.23
C VAL B 128 14.41 0.30 -25.64
N VAL B 129 13.34 0.81 -25.05
CA VAL B 129 12.41 0.01 -24.26
C VAL B 129 11.05 -0.02 -24.95
N CYS B 130 10.45 -1.22 -25.02
CA CYS B 130 9.12 -1.41 -25.56
C CYS B 130 8.18 -1.83 -24.44
N LEU B 131 7.00 -1.22 -24.39
CA LEU B 131 6.03 -1.44 -23.32
C LEU B 131 4.77 -2.07 -23.89
N LEU B 132 4.36 -3.19 -23.30
CA LEU B 132 3.09 -3.84 -23.59
C LEU B 132 2.20 -3.68 -22.38
N ASN B 133 1.06 -3.01 -22.55
CA ASN B 133 0.22 -2.60 -21.44
C ASN B 133 -1.13 -3.31 -21.49
N ASN B 134 -1.44 -4.05 -20.44
CA ASN B 134 -2.78 -4.62 -20.20
C ASN B 134 -3.22 -5.51 -21.37
N PHE B 135 -2.50 -6.62 -21.53
CA PHE B 135 -2.82 -7.61 -22.53
C PHE B 135 -3.16 -8.95 -21.87
N TYR B 136 -3.81 -9.81 -22.65
CA TYR B 136 -4.17 -11.16 -22.23
C TYR B 136 -4.32 -12.00 -23.49
N PRO B 137 -3.82 -13.23 -23.52
CA PRO B 137 -3.10 -13.96 -22.46
C PRO B 137 -1.64 -13.55 -22.33
N ARG B 138 -0.95 -14.04 -21.30
CA ARG B 138 0.42 -13.64 -21.06
C ARG B 138 1.35 -14.04 -22.21
N GLU B 139 1.00 -15.10 -22.94
CA GLU B 139 1.84 -15.58 -24.04
C GLU B 139 1.82 -14.56 -25.16
N ALA B 140 2.92 -13.82 -25.32
CA ALA B 140 3.05 -12.83 -26.36
C ALA B 140 4.50 -12.81 -26.85
N LYS B 141 4.68 -12.73 -28.16
CA LYS B 141 6.00 -12.70 -28.77
C LYS B 141 6.39 -11.27 -29.07
N VAL B 142 7.58 -10.87 -28.64
CA VAL B 142 8.10 -9.52 -28.83
C VAL B 142 9.36 -9.61 -29.68
N GLN B 143 9.42 -8.83 -30.75
CA GLN B 143 10.53 -8.84 -31.67
C GLN B 143 11.00 -7.42 -31.94
N TRP B 144 12.31 -7.27 -32.16
CA TRP B 144 12.91 -5.98 -32.43
C TRP B 144 13.43 -5.95 -33.86
N LYS B 145 13.13 -4.86 -34.58
CA LYS B 145 13.58 -4.67 -35.95
C LYS B 145 14.29 -3.35 -36.05
N VAL B 146 15.55 -3.37 -36.50
CA VAL B 146 16.36 -2.18 -36.67
C VAL B 146 16.69 -2.05 -38.15
N ASP B 147 16.26 -0.94 -38.75
CA ASP B 147 16.33 -0.74 -40.20
C ASP B 147 15.76 -1.95 -40.94
N ASN B 148 14.59 -2.40 -40.49
CA ASN B 148 13.88 -3.53 -41.08
C ASN B 148 14.74 -4.81 -41.04
N ALA B 149 15.45 -5.01 -39.94
CA ALA B 149 16.28 -6.20 -39.76
C ALA B 149 16.10 -6.72 -38.34
N LEU B 150 15.73 -7.99 -38.22
CA LEU B 150 15.50 -8.57 -36.91
C LEU B 150 16.80 -8.71 -36.13
N GLN B 151 16.74 -8.36 -34.83
CA GLN B 151 17.94 -8.39 -33.99
C GLN B 151 18.21 -9.79 -33.47
N SER B 152 17.26 -10.36 -32.71
CA SER B 152 17.29 -11.77 -32.35
C SER B 152 18.57 -12.15 -31.60
N GLY B 153 18.72 -11.57 -30.42
CA GLY B 153 19.71 -12.11 -29.50
C GLY B 153 20.34 -11.10 -28.57
N ASN B 154 19.85 -9.87 -28.61
CA ASN B 154 20.41 -8.77 -27.84
C ASN B 154 19.31 -8.00 -27.15
N SER B 155 18.38 -8.71 -26.50
CA SER B 155 17.28 -8.09 -25.78
C SER B 155 16.86 -8.96 -24.61
N GLN B 156 16.24 -8.32 -23.62
CA GLN B 156 15.71 -9.00 -22.45
C GLN B 156 14.32 -8.44 -22.15
N GLU B 157 13.54 -9.21 -21.41
CA GLU B 157 12.17 -8.79 -21.10
C GLU B 157 11.75 -9.38 -19.77
N SER B 158 10.72 -8.77 -19.18
CA SER B 158 10.11 -9.26 -17.95
C SER B 158 8.62 -8.95 -17.99
N VAL B 159 7.85 -9.73 -17.23
CA VAL B 159 6.40 -9.60 -17.19
C VAL B 159 5.98 -9.33 -15.75
N THR B 160 5.15 -8.31 -15.56
CA THR B 160 4.62 -8.02 -14.24
C THR B 160 3.59 -9.07 -13.85
N GLU B 161 3.33 -9.14 -12.54
CA GLU B 161 2.29 -10.04 -12.05
C GLU B 161 0.93 -9.56 -12.51
N GLN B 162 -0.03 -10.49 -12.54
CA GLN B 162 -1.35 -10.19 -13.05
C GLN B 162 -2.02 -9.11 -12.22
N ASP B 163 -2.62 -8.13 -12.90
CA ASP B 163 -3.26 -7.01 -12.22
C ASP B 163 -4.46 -7.48 -11.41
N SER B 164 -4.65 -6.87 -10.24
CA SER B 164 -5.76 -7.24 -9.37
C SER B 164 -7.08 -6.62 -9.79
N LYS B 165 -7.08 -5.69 -10.75
CA LYS B 165 -8.30 -5.02 -11.19
C LYS B 165 -8.84 -5.62 -12.48
N ASP B 166 -8.05 -5.61 -13.55
CA ASP B 166 -8.48 -6.10 -14.85
C ASP B 166 -7.90 -7.46 -15.21
N SER B 167 -7.09 -8.05 -14.33
CA SER B 167 -6.54 -9.40 -14.54
C SER B 167 -5.76 -9.48 -15.85
N THR B 168 -5.01 -8.44 -16.17
CA THR B 168 -4.17 -8.41 -17.36
C THR B 168 -2.70 -8.45 -16.98
N TYR B 169 -1.85 -8.53 -18.00
CA TYR B 169 -0.41 -8.55 -17.83
C TYR B 169 0.21 -7.36 -18.54
N SER B 170 1.42 -7.01 -18.12
CA SER B 170 2.22 -5.99 -18.79
C SER B 170 3.64 -6.51 -18.94
N LEU B 171 4.26 -6.17 -20.07
CA LEU B 171 5.61 -6.64 -20.39
C LEU B 171 6.48 -5.45 -20.75
N SER B 172 7.75 -5.51 -20.36
CA SER B 172 8.74 -4.51 -20.74
C SER B 172 9.94 -5.23 -21.35
N SER B 173 10.33 -4.81 -22.55
CA SER B 173 11.46 -5.38 -23.26
C SER B 173 12.49 -4.30 -23.54
N THR B 174 13.75 -4.63 -23.32
CA THR B 174 14.86 -3.69 -23.50
C THR B 174 15.80 -4.23 -24.55
N LEU B 175 16.01 -3.47 -25.62
CA LEU B 175 17.00 -3.79 -26.65
C LEU B 175 18.26 -2.99 -26.36
N THR B 176 19.36 -3.69 -26.12
CA THR B 176 20.61 -3.06 -25.72
C THR B 176 21.55 -3.01 -26.91
N LEU B 177 22.02 -1.81 -27.23
CA LEU B 177 22.96 -1.59 -28.33
C LEU B 177 24.05 -0.64 -27.86
N SER B 178 25.19 -0.71 -28.54
CA SER B 178 26.22 0.29 -28.34
C SER B 178 25.77 1.63 -28.93
N LYS B 179 26.38 2.71 -28.44
CA LYS B 179 26.06 4.03 -28.99
C LYS B 179 26.38 4.10 -30.47
N ALA B 180 27.51 3.53 -30.88
CA ALA B 180 27.90 3.56 -32.28
C ALA B 180 26.87 2.84 -33.16
N ASP B 181 26.44 1.65 -32.73
CA ASP B 181 25.47 0.90 -33.52
C ASP B 181 24.12 1.61 -33.57
N TYR B 182 23.70 2.21 -32.45
CA TYR B 182 22.39 2.85 -32.40
C TYR B 182 22.31 4.05 -33.35
N GLU B 183 23.43 4.70 -33.61
CA GLU B 183 23.46 5.88 -34.47
C GLU B 183 23.82 5.54 -35.91
N LYS B 184 24.04 4.27 -36.24
CA LYS B 184 24.22 3.83 -37.61
C LYS B 184 22.91 3.42 -38.27
N HIS B 185 21.79 3.51 -37.56
CA HIS B 185 20.50 3.05 -38.07
C HIS B 185 19.44 4.10 -37.75
N LYS B 186 18.32 4.00 -38.47
CA LYS B 186 17.25 4.99 -38.41
C LYS B 186 15.96 4.45 -37.80
N VAL B 187 15.43 3.36 -38.34
CA VAL B 187 14.11 2.86 -37.95
C VAL B 187 14.27 1.83 -36.84
N TYR B 188 13.51 2.01 -35.77
CA TYR B 188 13.48 1.06 -34.65
C TYR B 188 12.04 0.68 -34.39
N ALA B 189 11.75 -0.62 -34.45
CA ALA B 189 10.39 -1.12 -34.37
C ALA B 189 10.30 -2.25 -33.35
N CYS B 190 9.14 -2.33 -32.69
CA CYS B 190 8.83 -3.37 -31.73
C CYS B 190 7.51 -4.01 -32.13
N GLU B 191 7.51 -5.33 -32.33
CA GLU B 191 6.34 -6.04 -32.80
C GLU B 191 5.82 -6.99 -31.73
N VAL B 192 4.50 -7.02 -31.58
CA VAL B 192 3.82 -7.89 -30.62
C VAL B 192 2.92 -8.82 -31.40
N THR B 193 3.22 -10.11 -31.36
CA THR B 193 2.42 -11.13 -32.03
C THR B 193 1.61 -11.88 -30.97
N GLN B 194 0.28 -11.86 -31.11
CA GLN B 194 -0.59 -12.47 -30.11
C GLN B 194 -1.92 -12.82 -30.77
N GLY B 195 -2.13 -14.11 -31.04
CA GLY B 195 -3.42 -14.60 -31.50
C GLY B 195 -3.94 -13.95 -32.76
N THR B 196 -3.28 -14.24 -33.90
CA THR B 196 -3.67 -13.73 -35.22
C THR B 196 -3.75 -12.21 -35.24
N THR B 197 -2.90 -11.55 -34.45
CA THR B 197 -2.83 -10.09 -34.45
C THR B 197 -1.40 -9.68 -34.14
N SER B 198 -0.87 -8.78 -34.95
CA SER B 198 0.48 -8.24 -34.77
C SER B 198 0.42 -6.72 -34.78
N VAL B 199 1.05 -6.09 -33.80
CA VAL B 199 1.10 -4.64 -33.69
C VAL B 199 2.56 -4.22 -33.62
N THR B 200 2.95 -3.27 -34.46
CA THR B 200 4.33 -2.82 -34.58
C THR B 200 4.37 -1.31 -34.31
N LYS B 201 4.99 -0.93 -33.20
CA LYS B 201 5.25 0.47 -32.87
C LYS B 201 6.69 0.80 -33.24
N SER B 202 6.88 1.95 -33.90
CA SER B 202 8.19 2.30 -34.42
C SER B 202 8.45 3.79 -34.19
N PHE B 203 9.71 4.17 -34.37
CA PHE B 203 10.12 5.56 -34.37
C PHE B 203 11.35 5.71 -35.25
N ASN B 204 11.58 6.92 -35.73
CA ASN B 204 12.75 7.24 -36.52
C ASN B 204 13.68 8.12 -35.69
N ARG B 205 14.93 7.68 -35.55
CA ARG B 205 15.89 8.41 -34.73
C ARG B 205 16.13 9.80 -35.32
N GLY B 206 16.10 10.81 -34.46
CA GLY B 206 16.27 12.18 -34.88
C GLY B 206 15.03 12.83 -35.45
N GLU B 207 13.90 12.14 -35.49
CA GLU B 207 12.68 12.69 -36.05
C GLU B 207 11.52 12.60 -35.05
N GLN C 1 14.29 22.68 -2.79
CA GLN C 1 13.25 23.65 -3.14
C GLN C 1 12.86 24.46 -1.90
N VAL C 2 11.84 25.30 -2.03
CA VAL C 2 11.24 25.99 -0.89
C VAL C 2 10.49 24.97 -0.05
N GLN C 3 10.85 24.87 1.23
CA GLN C 3 10.21 23.97 2.17
C GLN C 3 9.84 24.73 3.43
N LEU C 4 8.73 24.33 4.05
CA LEU C 4 8.27 24.92 5.31
C LEU C 4 8.12 23.77 6.30
N VAL C 5 8.99 23.75 7.32
CA VAL C 5 9.03 22.70 8.31
C VAL C 5 8.61 23.29 9.66
N GLN C 6 7.59 22.70 10.27
CA GLN C 6 7.02 23.21 11.50
C GLN C 6 7.45 22.35 12.70
N SER C 7 7.14 22.84 13.89
CA SER C 7 7.49 22.15 15.11
C SER C 7 6.56 20.96 15.34
N GLY C 8 6.88 20.16 16.36
CA GLY C 8 6.11 18.99 16.67
C GLY C 8 4.76 19.31 17.28
N ALA C 9 3.96 18.25 17.43
CA ALA C 9 2.62 18.39 17.98
C ALA C 9 2.68 18.85 19.44
N GLU C 10 1.65 19.61 19.84
CA GLU C 10 1.58 20.18 21.16
C GLU C 10 0.24 19.81 21.80
N VAL C 11 0.26 19.55 23.10
CA VAL C 11 -0.94 19.31 23.89
C VAL C 11 -0.94 20.27 25.07
N LYS C 12 -2.03 21.02 25.22
CA LYS C 12 -2.10 22.10 26.20
C LYS C 12 -3.40 22.03 26.99
N LYS C 13 -3.32 22.46 28.25
CA LYS C 13 -4.50 22.66 29.08
C LYS C 13 -5.21 23.96 28.69
N PRO C 14 -6.51 24.05 28.92
CA PRO C 14 -7.21 25.31 28.64
C PRO C 14 -6.65 26.46 29.47
N GLY C 15 -6.55 27.63 28.84
CA GLY C 15 -5.96 28.79 29.45
C GLY C 15 -4.48 28.97 29.20
N ALA C 16 -3.80 27.95 28.70
CA ALA C 16 -2.36 28.04 28.46
C ALA C 16 -2.11 28.66 27.09
N SER C 17 -0.85 28.63 26.65
CA SER C 17 -0.46 29.18 25.35
C SER C 17 0.43 28.19 24.63
N VAL C 18 0.37 28.23 23.30
CA VAL C 18 1.16 27.34 22.45
C VAL C 18 1.88 28.19 21.41
N LYS C 19 3.16 27.88 21.18
CA LYS C 19 3.97 28.56 20.19
C LYS C 19 4.47 27.55 19.16
N VAL C 20 4.25 27.84 17.89
CA VAL C 20 4.60 26.96 16.79
C VAL C 20 5.58 27.68 15.88
N SER C 21 6.66 27.00 15.53
CA SER C 21 7.69 27.54 14.64
C SER C 21 7.48 27.05 13.22
N CYS C 22 8.11 27.76 12.27
CA CYS C 22 7.97 27.47 10.85
C CYS C 22 9.30 27.85 10.18
N LYS C 23 10.18 26.86 10.05
CA LYS C 23 11.50 27.04 9.47
C LYS C 23 11.42 26.91 7.96
N THR C 24 11.93 27.91 7.24
CA THR C 24 11.86 27.96 5.80
C THR C 24 13.25 27.89 5.18
N SER C 25 13.31 27.40 3.95
CA SER C 25 14.56 27.31 3.21
C SER C 25 14.23 27.28 1.73
N GLY C 26 15.24 27.50 0.90
CA GLY C 26 15.09 27.44 -0.54
C GLY C 26 14.60 28.71 -1.20
N TYR C 27 14.37 29.77 -0.43
CA TYR C 27 13.95 31.05 -1.00
C TYR C 27 14.33 32.16 -0.03
N THR C 28 14.33 33.38 -0.54
CA THR C 28 14.62 34.55 0.30
C THR C 28 13.46 34.75 1.27
N PHE C 29 13.74 34.51 2.56
CA PHE C 29 12.67 34.52 3.56
C PHE C 29 11.98 35.87 3.66
N THR C 30 12.70 36.96 3.39
CA THR C 30 12.15 38.30 3.56
C THR C 30 11.40 38.81 2.34
N ASP C 31 11.43 38.09 1.22
CA ASP C 31 10.75 38.52 0.01
C ASP C 31 9.31 38.04 -0.09
N PHE C 32 8.82 37.28 0.89
CA PHE C 32 7.47 36.74 0.85
C PHE C 32 6.81 36.88 2.21
N TYR C 33 5.50 37.09 2.19
CA TYR C 33 4.71 37.05 3.42
C TYR C 33 4.57 35.62 3.90
N MET C 34 4.48 35.47 5.22
CA MET C 34 4.22 34.17 5.84
C MET C 34 2.88 34.24 6.57
N HIS C 35 1.94 33.42 6.12
CA HIS C 35 0.60 33.34 6.69
C HIS C 35 0.52 32.20 7.69
N TRP C 36 -0.58 32.18 8.44
CA TRP C 36 -0.85 31.10 9.39
C TRP C 36 -2.30 30.67 9.25
N MET C 37 -2.50 29.36 9.14
CA MET C 37 -3.82 28.76 8.95
C MET C 37 -4.08 27.77 10.08
N ARG C 38 -5.35 27.39 10.22
CA ARG C 38 -5.71 26.32 11.13
C ARG C 38 -6.97 25.64 10.62
N GLN C 39 -7.15 24.39 11.04
CA GLN C 39 -8.27 23.58 10.55
C GLN C 39 -8.70 22.65 11.67
N ALA C 40 -9.92 22.87 12.18
CA ALA C 40 -10.48 21.96 13.17
C ALA C 40 -10.75 20.61 12.53
N PRO C 41 -10.69 19.53 13.32
CA PRO C 41 -10.95 18.19 12.76
C PRO C 41 -12.34 18.10 12.15
N GLY C 42 -12.38 17.71 10.88
CA GLY C 42 -13.63 17.58 10.16
C GLY C 42 -14.19 18.86 9.57
N GLN C 43 -13.50 19.98 9.72
CA GLN C 43 -13.98 21.27 9.22
C GLN C 43 -13.01 21.81 8.18
N GLY C 44 -13.27 23.04 7.73
CA GLY C 44 -12.48 23.66 6.69
C GLY C 44 -11.35 24.52 7.24
N LEU C 45 -10.71 25.25 6.33
CA LEU C 45 -9.59 26.11 6.66
C LEU C 45 -10.07 27.52 6.97
N GLU C 46 -9.36 28.18 7.89
CA GLU C 46 -9.60 29.58 8.17
C GLU C 46 -8.26 30.30 8.34
N TRP C 47 -8.27 31.60 8.04
CA TRP C 47 -7.07 32.42 8.02
C TRP C 47 -6.90 33.13 9.36
N MET C 48 -5.71 33.03 9.93
CA MET C 48 -5.41 33.68 11.21
C MET C 48 -4.68 35.00 11.05
N GLY C 49 -3.73 35.09 10.12
CA GLY C 49 -3.03 36.32 9.88
C GLY C 49 -1.74 36.06 9.12
N TRP C 50 -1.04 37.16 8.83
CA TRP C 50 0.24 37.10 8.15
C TRP C 50 1.23 38.03 8.85
N ILE C 51 2.50 37.85 8.54
CA ILE C 51 3.57 38.70 9.05
C ILE C 51 4.52 39.03 7.91
N ASN C 52 4.94 40.29 7.85
CA ASN C 52 5.94 40.72 6.88
C ASN C 52 7.32 40.54 7.52
N PRO C 53 8.14 39.61 7.03
CA PRO C 53 9.42 39.34 7.71
C PRO C 53 10.42 40.48 7.64
N THR C 54 10.24 41.45 6.75
CA THR C 54 11.20 42.55 6.64
C THR C 54 11.18 43.42 7.89
N GLY C 55 10.00 43.85 8.32
CA GLY C 55 9.89 44.74 9.46
C GLY C 55 9.14 44.15 10.63
N GLY C 56 8.60 42.95 10.47
CA GLY C 56 7.84 42.30 11.51
C GLY C 56 6.39 42.72 11.61
N GLY C 57 5.90 43.56 10.70
CA GLY C 57 4.52 43.99 10.76
C GLY C 57 3.56 42.82 10.56
N VAL C 58 2.42 42.90 11.23
CA VAL C 58 1.45 41.81 11.25
C VAL C 58 0.06 42.35 10.92
N ASN C 59 -0.81 41.45 10.46
CA ASN C 59 -2.22 41.73 10.26
C ASN C 59 -3.00 40.51 10.73
N TYR C 60 -3.69 40.64 11.86
CA TYR C 60 -4.45 39.54 12.44
C TYR C 60 -5.90 39.61 12.03
N ALA C 61 -6.53 38.44 11.92
CA ALA C 61 -7.97 38.38 11.78
C ALA C 61 -8.63 38.90 13.06
N HIS C 62 -9.80 39.52 12.91
CA HIS C 62 -10.47 40.13 14.05
C HIS C 62 -10.80 39.09 15.11
N LYS C 63 -11.02 37.84 14.70
CA LYS C 63 -11.32 36.78 15.67
C LYS C 63 -10.15 36.55 16.62
N PHE C 64 -8.92 36.57 16.10
CA PHE C 64 -7.74 36.29 16.88
C PHE C 64 -7.00 37.54 17.34
N GLN C 65 -7.55 38.72 17.07
CA GLN C 65 -6.89 39.97 17.47
C GLN C 65 -6.78 40.04 18.99
N GLY C 66 -5.59 40.37 19.48
CA GLY C 66 -5.34 40.42 20.90
C GLY C 66 -5.09 39.08 21.56
N ARG C 67 -5.03 38.00 20.78
CA ARG C 67 -4.82 36.67 21.32
C ARG C 67 -3.74 35.88 20.58
N VAL C 68 -3.32 36.33 19.40
CA VAL C 68 -2.28 35.66 18.62
C VAL C 68 -1.11 36.61 18.45
N THR C 69 0.10 36.07 18.56
CA THR C 69 1.33 36.85 18.43
C THR C 69 2.21 36.17 17.37
N MET C 70 2.44 36.85 16.26
CA MET C 70 3.27 36.34 15.19
C MET C 70 4.57 37.14 15.15
N THR C 71 5.69 36.43 15.25
CA THR C 71 7.02 37.02 15.20
C THR C 71 7.83 36.29 14.14
N ARG C 72 9.06 36.75 13.92
CA ARG C 72 9.95 36.08 12.98
C ARG C 72 11.39 36.34 13.39
N ASP C 73 12.28 35.48 12.91
CA ASP C 73 13.72 35.60 13.13
C ASP C 73 14.38 35.49 11.76
N THR C 74 14.81 36.63 11.23
CA THR C 74 15.36 36.66 9.87
C THR C 74 16.66 35.88 9.77
N SER C 75 17.45 35.83 10.85
CA SER C 75 18.74 35.14 10.79
C SER C 75 18.55 33.65 10.52
N ILE C 76 17.55 33.03 11.14
CA ILE C 76 17.32 31.61 10.98
C ILE C 76 16.13 31.32 10.06
N SER C 77 15.56 32.36 9.43
CA SER C 77 14.48 32.21 8.45
C SER C 77 13.31 31.43 9.02
N THR C 78 12.87 31.82 10.22
CA THR C 78 11.81 31.12 10.94
C THR C 78 10.72 32.09 11.34
N ALA C 79 9.47 31.68 11.16
CA ALA C 79 8.30 32.44 11.59
C ALA C 79 7.64 31.72 12.75
N TYR C 80 7.12 32.49 13.69
CA TYR C 80 6.53 31.95 14.91
C TYR C 80 5.09 32.40 15.05
N MET C 81 4.28 31.58 15.71
CA MET C 81 2.88 31.87 15.97
C MET C 81 2.55 31.40 17.37
N GLU C 82 2.11 32.32 18.23
CA GLU C 82 1.73 31.99 19.60
C GLU C 82 0.27 32.34 19.81
N LEU C 83 -0.51 31.38 20.29
CA LEU C 83 -1.92 31.58 20.62
C LEU C 83 -2.08 31.36 22.12
N SER C 84 -2.57 32.39 22.81
CA SER C 84 -2.73 32.35 24.26
C SER C 84 -4.19 32.10 24.64
N ARG C 85 -4.39 31.74 25.89
CA ARG C 85 -5.72 31.48 26.45
C ARG C 85 -6.48 30.47 25.60
N LEU C 86 -5.84 29.33 25.39
CA LEU C 86 -6.39 28.29 24.52
C LEU C 86 -7.68 27.72 25.10
N THR C 87 -8.62 27.42 24.22
CA THR C 87 -9.90 26.81 24.59
C THR C 87 -10.10 25.52 23.79
N SER C 88 -11.24 24.87 24.03
CA SER C 88 -11.52 23.59 23.40
C SER C 88 -11.58 23.72 21.88
N ASP C 89 -12.19 24.79 21.39
CA ASP C 89 -12.34 25.00 19.95
C ASP C 89 -11.05 25.47 19.28
N ASP C 90 -9.96 25.62 20.03
CA ASP C 90 -8.66 25.90 19.42
C ASP C 90 -7.94 24.64 18.97
N THR C 91 -8.53 23.46 19.19
CA THR C 91 -7.93 22.23 18.71
C THR C 91 -7.96 22.18 17.18
N GLY C 92 -6.86 21.74 16.59
CA GLY C 92 -6.80 21.61 15.15
C GLY C 92 -5.36 21.52 14.69
N VAL C 93 -5.21 21.46 13.36
CA VAL C 93 -3.91 21.42 12.71
C VAL C 93 -3.59 22.81 12.20
N TYR C 94 -2.42 23.32 12.57
CA TYR C 94 -2.00 24.68 12.23
C TYR C 94 -0.94 24.62 11.14
N TYR C 95 -1.14 25.40 10.09
CA TYR C 95 -0.22 25.45 8.96
C TYR C 95 0.38 26.85 8.85
N CYS C 96 1.55 26.91 8.21
CA CYS C 96 2.13 28.17 7.74
C CYS C 96 2.24 28.09 6.22
N ALA C 97 1.81 29.15 5.54
CA ALA C 97 1.77 29.19 4.09
C ALA C 97 2.48 30.43 3.57
N ARG C 98 3.14 30.30 2.44
CA ARG C 98 3.88 31.39 1.82
C ARG C 98 3.01 32.07 0.77
N SER C 99 3.08 33.39 0.72
CA SER C 99 2.38 34.19 -0.28
C SER C 99 3.33 35.20 -0.89
N PRO C 100 3.12 35.59 -2.14
CA PRO C 100 4.05 36.53 -2.78
C PRO C 100 3.87 37.95 -2.24
N ALA C 101 5.01 38.62 -2.02
CA ALA C 101 5.09 40.03 -1.67
C ALA C 101 3.98 40.51 -0.74
N ARG C 102 3.33 41.61 -1.11
CA ARG C 102 2.23 42.18 -0.33
C ARG C 102 0.88 41.65 -0.80
N GLU C 103 0.76 40.32 -0.86
CA GLU C 103 -0.46 39.65 -1.27
C GLU C 103 -0.86 38.62 -0.23
N LEU C 104 -2.11 38.16 -0.33
CA LEU C 104 -2.61 37.12 0.56
C LEU C 104 -3.38 36.03 -0.18
N LEU C 105 -3.60 36.19 -1.48
CA LEU C 105 -4.39 35.24 -2.25
C LEU C 105 -3.59 33.97 -2.54
N PRO C 106 -2.43 34.03 -3.23
CA PRO C 106 -1.75 32.78 -3.63
C PRO C 106 -0.93 32.21 -2.48
N LEU C 107 -1.38 31.07 -1.95
CA LEU C 107 -0.63 30.32 -0.94
C LEU C 107 -0.02 29.12 -1.66
N ASP C 108 1.15 29.35 -2.26
CA ASP C 108 1.75 28.33 -3.12
C ASP C 108 2.34 27.17 -2.32
N TYR C 109 3.01 27.47 -1.22
CA TYR C 109 3.70 26.44 -0.44
C TYR C 109 3.23 26.48 1.00
N TRP C 110 3.01 25.29 1.56
CA TRP C 110 2.50 25.13 2.92
C TRP C 110 3.45 24.28 3.74
N GLY C 111 3.37 24.44 5.06
CA GLY C 111 4.06 23.55 5.97
C GLY C 111 3.33 22.24 6.14
N GLN C 112 4.00 21.29 6.79
CA GLN C 112 3.40 19.97 6.98
C GLN C 112 2.28 20.00 8.00
N GLY C 113 2.18 21.07 8.80
CA GLY C 113 1.13 21.19 9.80
C GLY C 113 1.60 20.77 11.17
N THR C 114 0.90 21.30 12.18
CA THR C 114 1.21 21.01 13.58
C THR C 114 -0.10 20.82 14.33
N LEU C 115 -0.32 19.61 14.84
CA LEU C 115 -1.52 19.31 15.61
C LEU C 115 -1.40 19.92 17.00
N VAL C 116 -2.36 20.75 17.37
CA VAL C 116 -2.43 21.33 18.71
C VAL C 116 -3.74 20.87 19.33
N THR C 117 -3.64 20.09 20.40
CA THR C 117 -4.85 19.59 21.10
C THR C 117 -5.02 20.37 22.40
N VAL C 118 -6.21 20.90 22.65
CA VAL C 118 -6.48 21.63 23.92
C VAL C 118 -7.62 20.93 24.66
N SER C 119 -7.33 20.39 25.85
CA SER C 119 -8.34 19.71 26.69
C SER C 119 -7.92 19.70 28.16
N SER C 120 -8.89 19.49 29.05
CA SER C 120 -8.61 19.37 30.50
C SER C 120 -8.13 17.96 30.79
N ALA C 121 -7.97 17.17 29.74
CA ALA C 121 -7.56 15.76 29.89
C ALA C 121 -6.05 15.68 29.90
N SER C 122 -5.53 14.64 30.57
CA SER C 122 -4.09 14.47 30.53
C SER C 122 -3.74 13.33 29.58
N THR C 123 -2.47 13.26 29.21
CA THR C 123 -2.01 12.21 28.30
C THR C 123 -2.12 10.84 28.98
N LYS C 124 -2.80 9.92 28.32
CA LYS C 124 -3.07 8.59 28.87
C LYS C 124 -2.92 7.54 27.77
N GLY C 125 -2.31 6.42 28.13
CA GLY C 125 -2.16 5.30 27.23
C GLY C 125 -3.48 4.63 26.94
N PRO C 126 -3.58 3.96 25.79
CA PRO C 126 -4.84 3.32 25.40
C PRO C 126 -5.02 1.96 26.05
N SER C 127 -6.28 1.62 26.29
CA SER C 127 -6.67 0.27 26.70
C SER C 127 -7.22 -0.45 25.48
N VAL C 128 -6.58 -1.55 25.10
CA VAL C 128 -6.91 -2.29 23.89
C VAL C 128 -7.67 -3.54 24.28
N PHE C 129 -8.93 -3.63 23.85
CA PHE C 129 -9.78 -4.77 24.12
C PHE C 129 -10.02 -5.56 22.83
N PRO C 130 -10.21 -6.87 22.93
CA PRO C 130 -10.37 -7.69 21.72
C PRO C 130 -11.80 -7.64 21.18
N LEU C 131 -11.90 -7.56 19.85
CA LEU C 131 -13.16 -7.75 19.14
C LEU C 131 -13.14 -9.18 18.59
N ALA C 132 -13.50 -10.13 19.45
CA ALA C 132 -13.37 -11.54 19.13
C ALA C 132 -14.32 -11.93 18.01
N PRO C 133 -13.86 -12.72 17.03
CA PRO C 133 -14.69 -13.20 15.92
C PRO C 133 -15.70 -14.26 16.35
N THR C 138 -19.57 -14.75 11.72
CA THR C 138 -19.24 -15.55 10.54
C THR C 138 -20.29 -15.39 9.45
N SER C 139 -19.86 -14.90 8.29
CA SER C 139 -20.73 -14.74 7.12
C SER C 139 -20.10 -15.57 5.99
N GLY C 140 -20.49 -16.84 5.92
CA GLY C 140 -19.90 -17.72 4.92
C GLY C 140 -18.46 -18.03 5.26
N GLY C 141 -17.58 -17.87 4.27
CA GLY C 141 -16.17 -18.13 4.46
C GLY C 141 -15.38 -16.98 5.05
N THR C 142 -16.03 -15.88 5.40
CA THR C 142 -15.36 -14.69 5.92
C THR C 142 -15.73 -14.48 7.38
N ALA C 143 -14.75 -14.06 8.18
CA ALA C 143 -14.95 -13.74 9.59
C ALA C 143 -14.33 -12.38 9.87
N ALA C 144 -14.93 -11.66 10.82
CA ALA C 144 -14.48 -10.33 11.19
C ALA C 144 -13.94 -10.33 12.61
N LEU C 145 -12.79 -9.68 12.80
CA LEU C 145 -12.18 -9.53 14.11
C LEU C 145 -11.43 -8.22 14.13
N GLY C 146 -11.02 -7.80 15.33
CA GLY C 146 -10.28 -6.56 15.44
C GLY C 146 -9.96 -6.21 16.87
N CYS C 147 -9.57 -4.95 17.07
CA CYS C 147 -9.20 -4.42 18.37
C CYS C 147 -9.94 -3.11 18.62
N LEU C 148 -10.29 -2.88 19.88
CA LEU C 148 -10.96 -1.65 20.30
C LEU C 148 -9.97 -0.83 21.12
N VAL C 149 -9.48 0.25 20.53
CA VAL C 149 -8.55 1.15 21.20
C VAL C 149 -9.37 2.23 21.88
N LYS C 150 -9.42 2.20 23.22
CA LYS C 150 -10.32 3.05 23.97
C LYS C 150 -9.56 3.83 25.04
N ASP C 151 -10.04 5.05 25.30
CA ASP C 151 -9.61 5.87 26.43
C ASP C 151 -8.12 6.20 26.35
N TYR C 152 -7.75 6.91 25.29
CA TYR C 152 -6.39 7.43 25.12
C TYR C 152 -6.44 8.90 24.76
N PHE C 153 -5.36 9.61 25.09
CA PHE C 153 -5.27 11.03 24.82
C PHE C 153 -3.81 11.43 24.74
N PRO C 154 -3.41 12.26 23.78
CA PRO C 154 -4.21 12.78 22.66
C PRO C 154 -4.06 11.92 21.42
N GLU C 155 -4.51 12.41 20.27
CA GLU C 155 -4.28 11.71 19.01
C GLU C 155 -2.81 11.87 18.59
N PRO C 156 -2.32 10.99 17.70
CA PRO C 156 -2.98 9.84 17.08
C PRO C 156 -2.47 8.49 17.58
N VAL C 157 -3.06 7.41 17.09
CA VAL C 157 -2.56 6.05 17.32
C VAL C 157 -2.50 5.33 15.98
N THR C 158 -1.42 4.61 15.74
CA THR C 158 -1.21 3.85 14.52
C THR C 158 -1.41 2.37 14.81
N VAL C 159 -2.19 1.69 13.96
CA VAL C 159 -2.54 0.29 14.16
C VAL C 159 -2.04 -0.51 12.97
N SER C 160 -1.28 -1.57 13.24
CA SER C 160 -0.88 -2.55 12.26
C SER C 160 -1.31 -3.93 12.72
N TRP C 161 -1.26 -4.91 11.81
CA TRP C 161 -1.68 -6.27 12.12
C TRP C 161 -0.56 -7.24 11.78
N ASN C 162 -0.23 -8.10 12.74
CA ASN C 162 0.86 -9.07 12.61
C ASN C 162 2.16 -8.38 12.21
N SER C 163 2.45 -7.26 12.87
CA SER C 163 3.66 -6.47 12.62
C SER C 163 3.75 -6.03 11.16
N GLY C 164 2.59 -5.74 10.56
CA GLY C 164 2.52 -5.33 9.17
C GLY C 164 2.38 -6.47 8.18
N ALA C 165 2.43 -7.72 8.63
CA ALA C 165 2.27 -8.85 7.71
C ALA C 165 0.85 -8.93 7.18
N LEU C 166 -0.15 -8.55 7.98
CA LEU C 166 -1.55 -8.61 7.59
C LEU C 166 -2.01 -7.19 7.26
N THR C 167 -2.25 -6.93 5.97
CA THR C 167 -2.68 -5.63 5.51
C THR C 167 -3.96 -5.67 4.71
N SER C 168 -4.19 -6.72 3.92
CA SER C 168 -5.40 -6.82 3.11
C SER C 168 -6.61 -7.03 4.01
N GLY C 169 -7.69 -6.30 3.70
CA GLY C 169 -8.91 -6.39 4.47
C GLY C 169 -8.93 -5.61 5.76
N VAL C 170 -7.91 -4.80 6.02
CA VAL C 170 -7.81 -4.05 7.28
C VAL C 170 -8.45 -2.69 7.09
N HIS C 171 -9.37 -2.34 8.01
CA HIS C 171 -9.99 -1.02 8.05
C HIS C 171 -9.74 -0.41 9.42
N THR C 172 -9.01 0.70 9.46
CA THR C 172 -8.75 1.44 10.68
C THR C 172 -9.60 2.71 10.64
N PHE C 173 -10.58 2.79 11.54
CA PHE C 173 -11.56 3.86 11.53
C PHE C 173 -11.02 5.11 12.23
N PRO C 174 -11.51 6.29 11.84
CA PRO C 174 -11.12 7.50 12.56
C PRO C 174 -11.61 7.47 14.00
N ALA C 175 -10.81 8.06 14.88
CA ALA C 175 -11.17 8.11 16.29
C ALA C 175 -12.32 9.07 16.53
N VAL C 176 -13.13 8.74 17.54
CA VAL C 176 -14.24 9.58 17.97
C VAL C 176 -13.93 10.12 19.36
N LEU C 177 -14.23 11.39 19.58
CA LEU C 177 -13.98 12.03 20.88
C LEU C 177 -15.17 11.76 21.80
N GLN C 178 -14.92 11.02 22.88
CA GLN C 178 -15.99 10.66 23.80
C GLN C 178 -16.33 11.84 24.72
N SER C 179 -17.44 11.70 25.44
CA SER C 179 -17.87 12.75 26.36
C SER C 179 -16.91 12.92 27.53
N SER C 180 -16.03 11.94 27.76
CA SER C 180 -15.03 12.04 28.81
C SER C 180 -13.77 12.78 28.36
N GLY C 181 -13.72 13.23 27.11
CA GLY C 181 -12.54 13.89 26.59
C GLY C 181 -11.46 12.97 26.07
N LEU C 182 -11.69 11.66 26.07
CA LEU C 182 -10.72 10.68 25.61
C LEU C 182 -11.14 10.15 24.26
N TYR C 183 -10.15 9.91 23.39
CA TYR C 183 -10.42 9.38 22.06
C TYR C 183 -10.55 7.87 22.09
N SER C 184 -11.24 7.33 21.09
CA SER C 184 -11.43 5.89 20.96
C SER C 184 -11.73 5.56 19.52
N LEU C 185 -10.97 4.62 18.95
CA LEU C 185 -11.21 4.12 17.61
C LEU C 185 -11.18 2.60 17.63
N SER C 186 -11.48 2.00 16.48
CA SER C 186 -11.44 0.57 16.31
C SER C 186 -10.75 0.22 15.00
N SER C 187 -10.06 -0.91 14.99
CA SER C 187 -9.42 -1.45 13.79
C SER C 187 -9.92 -2.87 13.59
N VAL C 188 -10.36 -3.17 12.36
CA VAL C 188 -10.95 -4.47 12.05
C VAL C 188 -10.26 -5.04 10.82
N VAL C 189 -10.39 -6.35 10.66
CA VAL C 189 -9.83 -7.06 9.51
C VAL C 189 -10.70 -8.28 9.23
N THR C 190 -10.96 -8.53 7.95
CA THR C 190 -11.74 -9.69 7.53
C THR C 190 -10.78 -10.78 7.07
N VAL C 191 -10.92 -11.96 7.66
CA VAL C 191 -10.01 -13.07 7.42
C VAL C 191 -10.84 -14.32 7.14
N PRO C 192 -10.25 -15.32 6.46
CA PRO C 192 -10.98 -16.57 6.24
C PRO C 192 -11.37 -17.23 7.56
N SER C 193 -12.57 -17.82 7.58
CA SER C 193 -13.10 -18.39 8.82
C SER C 193 -12.34 -19.64 9.23
N SER C 194 -11.75 -20.36 8.27
CA SER C 194 -11.05 -21.59 8.59
C SER C 194 -9.75 -21.35 9.36
N SER C 195 -9.22 -20.13 9.33
CA SER C 195 -7.94 -19.83 9.95
C SER C 195 -8.08 -19.27 11.37
N LEU C 196 -9.29 -19.22 11.91
CA LEU C 196 -9.48 -18.62 13.23
C LEU C 196 -8.73 -19.39 14.31
N GLY C 197 -8.80 -20.72 14.28
CA GLY C 197 -8.14 -21.52 15.30
C GLY C 197 -6.68 -21.83 15.05
N THR C 198 -6.15 -21.44 13.89
CA THR C 198 -4.78 -21.75 13.53
C THR C 198 -3.91 -20.51 13.40
N GLN C 199 -4.33 -19.52 12.62
CA GLN C 199 -3.53 -18.33 12.39
C GLN C 199 -3.66 -17.37 13.57
N THR C 200 -2.52 -16.94 14.11
CA THR C 200 -2.51 -15.97 15.20
C THR C 200 -2.73 -14.56 14.63
N TYR C 201 -3.48 -13.75 15.37
CA TYR C 201 -3.82 -12.39 14.96
C TYR C 201 -3.49 -11.45 16.12
N ILE C 202 -2.50 -10.58 15.92
CA ILE C 202 -2.06 -9.63 16.92
C ILE C 202 -2.18 -8.23 16.33
N CYS C 203 -2.92 -7.35 16.99
CA CYS C 203 -3.00 -5.96 16.60
C CYS C 203 -1.93 -5.17 17.33
N ASN C 204 -1.19 -4.35 16.59
CA ASN C 204 -0.10 -3.54 17.14
C ASN C 204 -0.57 -2.10 17.19
N VAL C 205 -0.86 -1.60 18.39
CA VAL C 205 -1.33 -0.24 18.60
C VAL C 205 -0.18 0.57 19.18
N ASN C 206 0.19 1.65 18.50
CA ASN C 206 1.27 2.53 18.94
C ASN C 206 0.70 3.90 19.26
N HIS C 207 0.96 4.37 20.48
CA HIS C 207 0.51 5.67 20.94
C HIS C 207 1.75 6.53 21.17
N LYS C 208 2.14 7.28 20.13
CA LYS C 208 3.36 8.07 20.18
C LYS C 208 3.36 9.09 21.32
N PRO C 209 2.30 9.87 21.55
CA PRO C 209 2.39 10.90 22.62
C PRO C 209 2.71 10.34 23.99
N SER C 210 2.17 9.18 24.35
CA SER C 210 2.43 8.58 25.66
C SER C 210 3.58 7.58 25.64
N ASN C 211 4.20 7.35 24.48
CA ASN C 211 5.29 6.38 24.34
C ASN C 211 4.85 5.00 24.82
N THR C 212 3.62 4.62 24.49
CA THR C 212 3.06 3.34 24.89
C THR C 212 2.68 2.55 23.64
N LYS C 213 3.16 1.32 23.55
CA LYS C 213 2.80 0.41 22.48
C LYS C 213 2.14 -0.83 23.09
N VAL C 214 0.95 -1.16 22.60
CA VAL C 214 0.18 -2.29 23.09
C VAL C 214 -0.01 -3.29 21.97
N ASP C 215 0.36 -4.54 22.21
CA ASP C 215 0.13 -5.65 21.29
C ASP C 215 -0.90 -6.57 21.92
N LYS C 216 -2.01 -6.78 21.22
CA LYS C 216 -3.13 -7.58 21.73
C LYS C 216 -3.39 -8.75 20.80
N ARG C 217 -3.41 -9.96 21.37
CA ARG C 217 -3.73 -11.16 20.62
C ARG C 217 -5.23 -11.41 20.69
N VAL C 218 -5.89 -11.39 19.54
CA VAL C 218 -7.35 -11.55 19.46
C VAL C 218 -7.63 -13.03 19.23
N GLU C 219 -8.02 -13.73 20.32
CA GLU C 219 -8.36 -15.14 20.21
C GLU C 219 -9.84 -15.31 19.87
N PRO C 220 -10.19 -16.36 19.13
CA PRO C 220 -11.60 -16.59 18.81
C PRO C 220 -12.38 -17.13 20.01
N LYS C 221 -13.65 -16.76 20.07
CA LYS C 221 -14.55 -17.36 21.07
C LYS C 221 -15.15 -18.65 20.54
N SER C 222 -15.67 -18.62 19.33
CA SER C 222 -16.21 -19.79 18.62
C SER C 222 -16.47 -19.35 17.18
N CYS C 223 -17.07 -20.23 16.39
CA CYS C 223 -17.39 -19.90 15.01
C CYS C 223 -18.91 -19.86 14.80
N ILE D 2 -17.16 39.55 1.74
CA ILE D 2 -16.36 38.69 2.62
C ILE D 2 -17.14 37.44 3.00
N GLN D 3 -18.21 37.17 2.26
CA GLN D 3 -19.03 35.97 2.44
C GLN D 3 -18.86 35.06 1.24
N VAL D 4 -18.59 33.79 1.50
CA VAL D 4 -18.35 32.79 0.46
C VAL D 4 -19.31 31.64 0.63
N THR D 5 -19.96 31.23 -0.46
CA THR D 5 -20.83 30.06 -0.49
C THR D 5 -20.34 29.14 -1.60
N GLN D 6 -19.87 27.96 -1.21
CA GLN D 6 -19.34 26.98 -2.15
C GLN D 6 -20.31 25.81 -2.27
N SER D 7 -20.66 25.46 -3.52
CA SER D 7 -21.64 24.43 -3.80
C SER D 7 -21.15 23.58 -4.97
N PRO D 8 -21.46 22.28 -4.97
CA PRO D 8 -22.17 21.51 -3.93
C PRO D 8 -21.26 21.16 -2.76
N SER D 9 -21.81 20.85 -1.59
CA SER D 9 -20.98 20.41 -0.47
C SER D 9 -20.33 19.07 -0.77
N SER D 10 -21.09 18.14 -1.37
CA SER D 10 -20.58 16.83 -1.73
C SER D 10 -21.00 16.51 -3.17
N LEU D 11 -20.15 15.75 -3.85
CA LEU D 11 -20.37 15.42 -5.26
C LEU D 11 -19.79 14.04 -5.54
N SER D 12 -20.47 13.28 -6.40
CA SER D 12 -20.02 11.96 -6.81
C SER D 12 -19.93 11.92 -8.33
N ALA D 13 -18.80 11.44 -8.85
CA ALA D 13 -18.59 11.39 -10.28
C ALA D 13 -17.65 10.23 -10.63
N SER D 14 -17.73 9.80 -11.89
CA SER D 14 -16.91 8.70 -12.38
C SER D 14 -15.57 9.21 -12.90
N VAL D 15 -14.69 8.28 -13.21
CA VAL D 15 -13.36 8.62 -13.71
C VAL D 15 -13.47 8.99 -15.19
N GLY D 16 -13.02 10.18 -15.53
CA GLY D 16 -12.96 10.62 -16.91
C GLY D 16 -14.13 11.43 -17.40
N ASP D 17 -14.79 12.20 -16.54
CA ASP D 17 -15.91 13.04 -16.95
C ASP D 17 -15.75 14.44 -16.39
N ARG D 18 -16.43 15.39 -17.04
CA ARG D 18 -16.30 16.80 -16.69
C ARG D 18 -17.01 17.08 -15.37
N VAL D 19 -16.33 17.79 -14.47
CA VAL D 19 -16.87 18.13 -13.16
C VAL D 19 -16.74 19.65 -12.96
N THR D 20 -17.82 20.27 -12.50
CA THR D 20 -17.87 21.71 -12.30
C THR D 20 -18.13 22.02 -10.83
N ILE D 21 -17.30 22.90 -10.26
CA ILE D 21 -17.45 23.37 -8.88
C ILE D 21 -17.56 24.88 -8.91
N THR D 22 -18.58 25.41 -8.24
CA THR D 22 -18.82 26.85 -8.20
C THR D 22 -18.84 27.34 -6.76
N CYS D 23 -18.16 28.46 -6.52
CA CYS D 23 -18.25 29.17 -5.24
C CYS D 23 -18.46 30.65 -5.53
N ARG D 24 -19.29 31.29 -4.73
CA ARG D 24 -19.78 32.64 -5.01
C ARG D 24 -19.51 33.55 -3.84
N ALA D 25 -19.35 34.84 -4.13
CA ALA D 25 -19.14 35.86 -3.14
C ALA D 25 -20.34 36.79 -3.06
N SER D 26 -20.33 37.68 -2.08
CA SER D 26 -21.39 38.66 -1.90
C SER D 26 -21.10 39.99 -2.59
N GLN D 27 -19.91 40.16 -3.16
CA GLN D 27 -19.53 41.41 -3.80
C GLN D 27 -18.48 41.14 -4.86
N GLY D 28 -18.31 42.11 -5.75
CA GLY D 28 -17.29 41.99 -6.79
C GLY D 28 -15.89 42.01 -6.19
N ILE D 29 -15.08 41.03 -6.59
CA ILE D 29 -13.71 40.91 -6.08
C ILE D 29 -12.74 40.78 -7.24
N SER D 30 -13.14 41.30 -8.40
CA SER D 30 -12.40 41.15 -9.67
C SER D 30 -11.99 39.71 -9.90
N ASN D 31 -10.69 39.42 -9.81
CA ASN D 31 -10.17 38.07 -10.04
C ASN D 31 -9.35 37.57 -8.85
N TYR D 32 -9.69 38.03 -7.65
CA TYR D 32 -8.94 37.69 -6.44
C TYR D 32 -9.52 36.41 -5.84
N LEU D 33 -9.16 35.28 -6.44
CA LEU D 33 -9.66 33.98 -6.02
C LEU D 33 -8.58 32.92 -6.19
N ALA D 34 -8.53 31.98 -5.26
CA ALA D 34 -7.62 30.85 -5.33
C ALA D 34 -8.39 29.56 -5.12
N TRP D 35 -7.89 28.48 -5.72
CA TRP D 35 -8.45 27.15 -5.54
C TRP D 35 -7.39 26.23 -4.95
N TYR D 36 -7.80 25.40 -3.99
CA TYR D 36 -6.89 24.48 -3.32
C TYR D 36 -7.49 23.08 -3.29
N GLN D 37 -6.62 22.09 -3.32
CA GLN D 37 -7.00 20.68 -3.22
C GLN D 37 -6.42 20.10 -1.93
N GLN D 38 -7.23 19.35 -1.20
CA GLN D 38 -6.79 18.73 0.04
C GLN D 38 -7.35 17.32 0.10
N LYS D 39 -6.47 16.33 0.03
CA LYS D 39 -6.82 14.96 0.31
C LYS D 39 -6.83 14.75 1.83
N PRO D 40 -7.59 13.76 2.31
CA PRO D 40 -7.68 13.54 3.77
C PRO D 40 -6.31 13.27 4.37
N GLY D 41 -6.03 13.91 5.50
CA GLY D 41 -4.76 13.78 6.16
C GLY D 41 -3.59 14.30 5.36
N LYS D 42 -3.81 15.26 4.46
CA LYS D 42 -2.78 15.77 3.58
C LYS D 42 -2.77 17.30 3.60
N VAL D 43 -1.64 17.86 3.19
CA VAL D 43 -1.42 19.30 3.16
C VAL D 43 -2.17 19.92 1.98
N PRO D 44 -2.83 21.07 2.16
CA PRO D 44 -3.48 21.72 1.02
C PRO D 44 -2.49 22.10 -0.07
N LYS D 45 -2.94 22.01 -1.32
CA LYS D 45 -2.11 22.25 -2.49
C LYS D 45 -2.75 23.32 -3.36
N LEU D 46 -1.95 24.31 -3.76
CA LEU D 46 -2.44 25.35 -4.65
C LEU D 46 -2.69 24.79 -6.04
N LEU D 47 -3.83 25.15 -6.62
CA LEU D 47 -4.18 24.74 -7.98
C LEU D 47 -4.23 25.92 -8.94
N ILE D 48 -5.05 26.92 -8.65
CA ILE D 48 -5.20 28.09 -9.51
C ILE D 48 -5.22 29.34 -8.64
N TYR D 49 -4.42 30.34 -9.00
CA TYR D 49 -4.44 31.64 -8.36
C TYR D 49 -4.83 32.70 -9.38
N GLY D 50 -5.52 33.74 -8.91
CA GLY D 50 -6.07 34.73 -9.80
C GLY D 50 -7.33 34.31 -10.52
N ALA D 51 -7.93 33.19 -10.13
CA ALA D 51 -9.13 32.56 -10.69
C ALA D 51 -9.00 32.12 -12.16
N SER D 52 -7.89 32.43 -12.83
CA SER D 52 -7.67 31.87 -14.16
C SER D 52 -6.26 31.34 -14.39
N THR D 53 -5.29 31.65 -13.54
CA THR D 53 -3.89 31.32 -13.81
C THR D 53 -3.52 29.99 -13.16
N LEU D 54 -3.09 29.03 -13.97
CA LEU D 54 -2.76 27.70 -13.48
C LEU D 54 -1.40 27.72 -12.79
N GLN D 55 -1.34 27.12 -11.60
CA GLN D 55 -0.08 26.95 -10.90
C GLN D 55 0.79 25.93 -11.61
N SER D 56 2.10 26.17 -11.64
CA SER D 56 3.02 25.23 -12.25
C SER D 56 2.99 23.90 -11.53
N GLY D 57 2.98 22.81 -12.30
CA GLY D 57 2.83 21.49 -11.75
C GLY D 57 1.41 20.98 -11.65
N VAL D 58 0.42 21.80 -12.00
CA VAL D 58 -0.98 21.42 -11.98
C VAL D 58 -1.38 21.00 -13.40
N PRO D 59 -2.06 19.88 -13.58
CA PRO D 59 -2.42 19.44 -14.93
C PRO D 59 -3.36 20.42 -15.61
N SER D 60 -3.31 20.43 -16.95
CA SER D 60 -4.15 21.33 -17.74
C SER D 60 -5.63 21.02 -17.59
N ARG D 61 -5.98 19.83 -17.09
CA ARG D 61 -7.38 19.49 -16.92
C ARG D 61 -8.08 20.39 -15.91
N PHE D 62 -7.33 21.06 -15.04
CA PHE D 62 -7.87 22.04 -14.12
C PHE D 62 -7.93 23.40 -14.79
N SER D 63 -9.11 24.02 -14.78
CA SER D 63 -9.31 25.33 -15.38
C SER D 63 -10.20 26.16 -14.47
N GLY D 64 -10.01 27.47 -14.53
CA GLY D 64 -10.77 28.40 -13.70
C GLY D 64 -11.31 29.56 -14.51
N SER D 65 -12.56 29.91 -14.24
CA SER D 65 -13.21 31.04 -14.87
C SER D 65 -14.05 31.77 -13.84
N GLY D 66 -14.47 32.99 -14.19
CA GLY D 66 -15.31 33.77 -13.29
C GLY D 66 -15.44 35.21 -13.72
N SER D 67 -16.51 35.88 -13.26
CA SER D 67 -16.75 37.27 -13.63
C SER D 67 -17.50 37.93 -12.48
N GLY D 68 -16.76 38.63 -11.62
CA GLY D 68 -17.37 39.44 -10.58
C GLY D 68 -17.79 38.67 -9.34
N THR D 69 -18.89 37.92 -9.43
CA THR D 69 -19.45 37.24 -8.28
C THR D 69 -19.67 35.74 -8.47
N ASP D 70 -19.66 35.23 -9.70
CA ASP D 70 -19.84 33.81 -9.98
C ASP D 70 -18.54 33.26 -10.52
N PHE D 71 -18.01 32.23 -9.87
CA PHE D 71 -16.71 31.67 -10.19
C PHE D 71 -16.80 30.15 -10.27
N THR D 72 -15.96 29.57 -11.13
CA THR D 72 -16.06 28.15 -11.46
C THR D 72 -14.68 27.53 -11.58
N LEU D 73 -14.50 26.37 -10.96
CA LEU D 73 -13.34 25.51 -11.19
C LEU D 73 -13.83 24.27 -11.90
N THR D 74 -13.28 23.98 -13.07
CA THR D 74 -13.73 22.88 -13.92
C THR D 74 -12.60 21.89 -14.13
N ILE D 75 -12.91 20.60 -13.94
CA ILE D 75 -12.02 19.51 -14.26
C ILE D 75 -12.54 18.85 -15.53
N SER D 76 -11.78 19.00 -16.63
CA SER D 76 -12.26 18.52 -17.93
C SER D 76 -12.45 17.01 -17.92
N SER D 77 -11.51 16.27 -17.34
CA SER D 77 -11.59 14.82 -17.28
C SER D 77 -11.01 14.35 -15.96
N LEU D 78 -11.85 13.76 -15.11
CA LEU D 78 -11.40 13.33 -13.80
C LEU D 78 -10.38 12.20 -13.91
N GLN D 79 -9.46 12.19 -12.96
CA GLN D 79 -8.43 11.18 -12.83
C GLN D 79 -8.51 10.54 -11.44
N PRO D 80 -7.97 9.33 -11.26
CA PRO D 80 -8.07 8.68 -9.94
C PRO D 80 -7.49 9.50 -8.81
N GLU D 81 -6.45 10.28 -9.07
CA GLU D 81 -5.83 11.11 -8.04
C GLU D 81 -6.54 12.43 -7.82
N ASP D 82 -7.59 12.73 -8.59
CA ASP D 82 -8.32 13.99 -8.47
C ASP D 82 -9.46 13.93 -7.46
N PHE D 83 -9.72 12.77 -6.86
CA PHE D 83 -10.81 12.64 -5.90
C PHE D 83 -10.33 13.15 -4.53
N ALA D 84 -10.80 14.34 -4.15
CA ALA D 84 -10.40 14.97 -2.90
C ALA D 84 -11.39 16.08 -2.59
N THR D 85 -11.09 16.87 -1.56
CA THR D 85 -11.92 18.01 -1.17
C THR D 85 -11.26 19.28 -1.69
N TYR D 86 -12.07 20.15 -2.31
CA TYR D 86 -11.59 21.37 -2.92
C TYR D 86 -12.13 22.58 -2.16
N TYR D 87 -11.28 23.58 -1.98
CA TYR D 87 -11.63 24.83 -1.31
C TYR D 87 -11.35 26.01 -2.23
N CYS D 88 -12.18 27.04 -2.11
CA CYS D 88 -11.95 28.30 -2.79
C CYS D 88 -11.69 29.40 -1.78
N GLN D 89 -10.73 30.28 -2.08
CA GLN D 89 -10.33 31.35 -1.18
C GLN D 89 -10.55 32.68 -1.88
N ILE D 90 -11.43 33.50 -1.32
CA ILE D 90 -11.65 34.87 -1.77
C ILE D 90 -11.14 35.79 -0.66
N TYR D 91 -10.10 36.56 -0.98
CA TYR D 91 -9.39 37.37 0.00
C TYR D 91 -8.98 36.54 1.21
N GLU D 92 -9.54 36.84 2.37
CA GLU D 92 -9.20 36.17 3.62
C GLU D 92 -10.19 35.09 4.01
N THR D 93 -11.16 34.80 3.15
CA THR D 93 -12.25 33.87 3.46
C THR D 93 -12.11 32.60 2.65
N PHE D 94 -12.29 31.46 3.31
CA PHE D 94 -12.28 30.15 2.67
C PHE D 94 -13.68 29.56 2.64
N GLY D 95 -13.96 28.80 1.58
CA GLY D 95 -15.26 28.19 1.43
C GLY D 95 -15.45 26.95 2.28
N GLN D 96 -16.69 26.48 2.34
CA GLN D 96 -17.00 25.28 3.10
C GLN D 96 -16.28 24.07 2.53
N GLY D 97 -16.21 23.96 1.21
CA GLY D 97 -15.52 22.87 0.57
C GLY D 97 -16.42 21.96 -0.24
N THR D 98 -15.85 21.31 -1.26
CA THR D 98 -16.59 20.35 -2.08
C THR D 98 -15.81 19.04 -2.11
N LYS D 99 -16.41 17.99 -1.55
CA LYS D 99 -15.80 16.68 -1.54
C LYS D 99 -16.19 15.92 -2.80
N VAL D 100 -15.19 15.45 -3.53
CA VAL D 100 -15.40 14.71 -4.78
C VAL D 100 -15.15 13.24 -4.51
N ASP D 101 -16.21 12.45 -4.63
CA ASP D 101 -16.11 10.99 -4.36
C ASP D 101 -16.23 10.22 -5.67
N ILE D 102 -15.79 8.97 -5.68
CA ILE D 102 -15.90 8.10 -6.88
C ILE D 102 -17.27 7.45 -6.93
N LYS D 103 -17.89 7.41 -8.10
CA LYS D 103 -19.21 6.76 -8.26
C LYS D 103 -19.00 5.26 -8.48
N ARG D 104 -19.98 4.48 -8.02
CA ARG D 104 -19.85 3.01 -7.84
C ARG D 104 -21.24 2.42 -7.86
N THR D 105 -21.34 1.09 -7.92
CA THR D 105 -22.66 0.42 -7.86
C THR D 105 -23.01 0.21 -6.38
N VAL D 106 -24.31 0.10 -6.08
CA VAL D 106 -24.74 -0.05 -4.67
C VAL D 106 -24.16 -1.36 -4.14
N ALA D 107 -23.56 -1.32 -2.96
CA ALA D 107 -23.01 -2.54 -2.34
C ALA D 107 -23.64 -2.73 -0.97
N ALA D 108 -24.31 -3.87 -0.73
CA ALA D 108 -24.86 -4.13 0.59
C ALA D 108 -23.74 -4.35 1.59
N PRO D 109 -23.78 -3.71 2.76
CA PRO D 109 -22.73 -3.92 3.75
C PRO D 109 -22.77 -5.33 4.33
N SER D 110 -21.58 -5.81 4.71
CA SER D 110 -21.47 -7.02 5.52
C SER D 110 -21.46 -6.59 6.98
N VAL D 111 -22.52 -6.94 7.71
CA VAL D 111 -22.75 -6.45 9.06
C VAL D 111 -22.23 -7.48 10.06
N PHE D 112 -21.36 -7.04 10.97
CA PHE D 112 -20.88 -7.85 12.07
C PHE D 112 -21.11 -7.09 13.37
N ILE D 113 -21.47 -7.81 14.43
CA ILE D 113 -21.66 -7.23 15.74
C ILE D 113 -20.74 -7.93 16.72
N PHE D 114 -20.15 -7.16 17.63
CA PHE D 114 -19.18 -7.68 18.58
C PHE D 114 -19.68 -7.44 20.01
N PRO D 115 -19.94 -8.49 20.78
CA PRO D 115 -20.36 -8.29 22.16
C PRO D 115 -19.24 -7.64 22.97
N PRO D 116 -19.58 -6.93 24.04
CA PRO D 116 -18.54 -6.38 24.91
C PRO D 116 -17.65 -7.48 25.44
N SER D 117 -16.35 -7.20 25.48
CA SER D 117 -15.36 -8.18 25.88
C SER D 117 -15.35 -8.32 27.40
N ASP D 118 -15.19 -9.56 27.88
CA ASP D 118 -15.13 -9.79 29.32
C ASP D 118 -13.99 -9.02 29.96
N GLU D 119 -12.91 -8.80 29.20
CA GLU D 119 -11.78 -8.03 29.71
C GLU D 119 -12.18 -6.59 30.00
N GLN D 120 -12.98 -5.98 29.12
CA GLN D 120 -13.49 -4.64 29.39
C GLN D 120 -14.53 -4.65 30.48
N LEU D 121 -15.28 -5.74 30.62
CA LEU D 121 -16.29 -5.83 31.68
C LEU D 121 -15.66 -5.76 33.06
N LYS D 122 -14.42 -6.23 33.21
CA LYS D 122 -13.73 -6.12 34.48
C LYS D 122 -13.43 -4.68 34.84
N SER D 123 -13.50 -3.76 33.87
CA SER D 123 -13.28 -2.34 34.11
C SER D 123 -14.57 -1.59 34.43
N GLY D 124 -15.72 -2.27 34.43
CA GLY D 124 -16.98 -1.65 34.77
C GLY D 124 -17.68 -0.95 33.63
N THR D 125 -17.09 -0.91 32.44
CA THR D 125 -17.70 -0.29 31.27
C THR D 125 -17.88 -1.34 30.17
N ALA D 126 -18.92 -1.16 29.37
CA ALA D 126 -19.26 -2.10 28.30
C ALA D 126 -19.37 -1.35 26.99
N SER D 127 -18.70 -1.87 25.95
CA SER D 127 -18.76 -1.30 24.61
C SER D 127 -19.05 -2.42 23.61
N VAL D 128 -20.10 -2.25 22.81
CA VAL D 128 -20.48 -3.19 21.77
C VAL D 128 -20.35 -2.49 20.44
N VAL D 129 -19.65 -3.12 19.50
CA VAL D 129 -19.22 -2.48 18.25
C VAL D 129 -19.95 -3.12 17.09
N CYS D 130 -20.50 -2.28 16.20
CA CYS D 130 -21.16 -2.70 14.98
C CYS D 130 -20.27 -2.32 13.79
N LEU D 131 -20.04 -3.26 12.89
CA LEU D 131 -19.15 -3.08 11.75
C LEU D 131 -19.94 -3.19 10.46
N LEU D 132 -19.75 -2.21 9.57
CA LEU D 132 -20.34 -2.20 8.24
C LEU D 132 -19.19 -2.27 7.24
N ASN D 133 -19.12 -3.35 6.48
CA ASN D 133 -17.95 -3.65 5.66
C ASN D 133 -18.31 -3.53 4.19
N ASN D 134 -17.62 -2.62 3.49
CA ASN D 134 -17.68 -2.46 2.04
C ASN D 134 -19.11 -2.21 1.56
N PHE D 135 -19.65 -1.07 1.96
CA PHE D 135 -20.96 -0.63 1.51
C PHE D 135 -20.85 0.61 0.64
N TYR D 136 -21.91 0.84 -0.14
CA TYR D 136 -22.02 2.02 -0.99
C TYR D 136 -23.49 2.24 -1.29
N PRO D 137 -23.99 3.48 -1.27
CA PRO D 137 -23.29 4.74 -1.00
C PRO D 137 -22.97 4.95 0.48
N ARG D 138 -22.25 6.03 0.80
CA ARG D 138 -21.79 6.26 2.16
C ARG D 138 -22.95 6.46 3.13
N GLU D 139 -24.06 7.02 2.65
CA GLU D 139 -25.20 7.31 3.53
C GLU D 139 -25.87 6.02 3.98
N ALA D 140 -26.08 5.90 5.29
CA ALA D 140 -26.74 4.74 5.87
C ALA D 140 -27.14 5.03 7.32
N LYS D 141 -28.38 4.69 7.68
CA LYS D 141 -28.86 4.91 9.04
C LYS D 141 -28.49 3.70 9.90
N VAL D 142 -27.78 3.96 10.99
CA VAL D 142 -27.37 2.93 11.94
C VAL D 142 -28.13 3.16 13.23
N GLN D 143 -28.87 2.14 13.67
CA GLN D 143 -29.66 2.21 14.88
C GLN D 143 -29.29 1.06 15.81
N TRP D 144 -29.36 1.33 17.10
CA TRP D 144 -29.12 0.31 18.13
C TRP D 144 -30.43 -0.04 18.80
N LYS D 145 -30.66 -1.34 19.00
CA LYS D 145 -31.87 -1.83 19.66
C LYS D 145 -31.47 -2.82 20.74
N VAL D 146 -31.84 -2.52 21.99
CA VAL D 146 -31.56 -3.37 23.13
C VAL D 146 -32.89 -3.87 23.66
N ASP D 147 -33.08 -5.19 23.69
CA ASP D 147 -34.37 -5.80 23.98
C ASP D 147 -35.46 -5.23 23.07
N ASN D 148 -35.10 -5.03 21.80
CA ASN D 148 -35.99 -4.48 20.78
C ASN D 148 -36.46 -3.07 21.14
N ALA D 149 -35.66 -2.35 21.92
CA ALA D 149 -35.95 -0.96 22.28
C ALA D 149 -34.89 -0.06 21.67
N LEU D 150 -35.33 0.96 20.95
CA LEU D 150 -34.40 1.83 20.24
C LEU D 150 -33.54 2.63 21.21
N GLN D 151 -32.25 2.76 20.88
CA GLN D 151 -31.29 3.51 21.67
C GLN D 151 -31.05 4.88 21.04
N SER D 152 -30.77 5.87 21.89
CA SER D 152 -30.54 7.23 21.42
C SER D 152 -29.55 7.93 22.35
N GLY D 153 -28.60 8.63 21.75
CA GLY D 153 -27.67 9.46 22.48
C GLY D 153 -26.52 8.74 23.14
N ASN D 154 -26.42 7.42 22.98
CA ASN D 154 -25.36 6.63 23.61
C ASN D 154 -24.52 5.88 22.58
N SER D 155 -24.39 6.43 21.37
CA SER D 155 -23.62 5.79 20.32
C SER D 155 -22.81 6.83 19.56
N GLN D 156 -21.64 6.41 19.09
CA GLN D 156 -20.79 7.22 18.23
C GLN D 156 -20.32 6.36 17.06
N GLU D 157 -20.11 7.00 15.91
CA GLU D 157 -19.73 6.28 14.71
C GLU D 157 -18.72 7.09 13.91
N SER D 158 -17.95 6.39 13.07
CA SER D 158 -17.01 7.01 12.16
C SER D 158 -16.94 6.18 10.89
N VAL D 159 -16.58 6.83 9.79
CA VAL D 159 -16.54 6.19 8.48
C VAL D 159 -15.14 6.36 7.91
N THR D 160 -14.59 5.27 7.39
CA THR D 160 -13.29 5.33 6.73
C THR D 160 -13.41 6.05 5.39
N GLU D 161 -12.27 6.48 4.85
CA GLU D 161 -12.24 7.06 3.53
C GLU D 161 -12.49 5.99 2.47
N GLN D 162 -12.84 6.43 1.27
CA GLN D 162 -13.16 5.51 0.19
C GLN D 162 -11.95 4.64 -0.13
N ASP D 163 -12.18 3.33 -0.22
CA ASP D 163 -11.10 2.38 -0.40
C ASP D 163 -10.43 2.57 -1.75
N SER D 164 -9.12 2.36 -1.79
CA SER D 164 -8.36 2.53 -3.02
C SER D 164 -8.53 1.38 -4.01
N LYS D 165 -9.11 0.26 -3.58
CA LYS D 165 -9.26 -0.91 -4.43
C LYS D 165 -10.67 -1.01 -5.01
N ASP D 166 -11.70 -1.05 -4.15
CA ASP D 166 -13.07 -1.21 -4.60
C ASP D 166 -13.93 0.03 -4.39
N SER D 167 -13.35 1.12 -3.88
CA SER D 167 -14.04 2.41 -3.74
C SER D 167 -15.32 2.29 -2.91
N THR D 168 -15.26 1.52 -1.84
CA THR D 168 -16.38 1.39 -0.91
C THR D 168 -16.02 2.01 0.43
N TYR D 169 -17.04 2.19 1.26
CA TYR D 169 -16.90 2.76 2.59
C TYR D 169 -17.12 1.70 3.66
N SER D 170 -16.57 1.96 4.84
CA SER D 170 -16.77 1.11 6.01
C SER D 170 -17.10 2.00 7.20
N LEU D 171 -18.04 1.52 8.03
CA LEU D 171 -18.51 2.27 9.19
C LEU D 171 -18.34 1.42 10.45
N SER D 172 -17.98 2.09 11.54
CA SER D 172 -17.86 1.44 12.85
C SER D 172 -18.64 2.28 13.86
N SER D 173 -19.58 1.64 14.56
CA SER D 173 -20.41 2.30 15.55
C SER D 173 -20.20 1.63 16.90
N THR D 174 -20.03 2.44 17.94
CA THR D 174 -19.80 1.94 19.30
C THR D 174 -20.96 2.37 20.18
N LEU D 175 -21.60 1.40 20.83
CA LEU D 175 -22.67 1.66 21.79
C LEU D 175 -22.08 1.53 23.19
N THR D 176 -22.06 2.63 23.93
CA THR D 176 -21.41 2.69 25.23
C THR D 176 -22.47 2.59 26.33
N LEU D 177 -22.35 1.55 27.16
CA LEU D 177 -23.26 1.32 28.27
C LEU D 177 -22.46 0.95 29.50
N SER D 178 -23.05 1.19 30.67
CA SER D 178 -22.44 0.75 31.91
C SER D 178 -22.55 -0.77 32.05
N LYS D 179 -21.66 -1.34 32.85
CA LYS D 179 -21.66 -2.79 33.05
C LYS D 179 -22.96 -3.25 33.69
N ALA D 180 -23.46 -2.50 34.68
CA ALA D 180 -24.73 -2.85 35.31
C ALA D 180 -25.86 -2.81 34.31
N ASP D 181 -25.88 -1.83 33.42
CA ASP D 181 -26.89 -1.77 32.37
C ASP D 181 -26.77 -2.96 31.43
N TYR D 182 -25.54 -3.34 31.07
CA TYR D 182 -25.35 -4.41 30.09
C TYR D 182 -25.76 -5.77 30.64
N GLU D 183 -25.73 -5.95 31.95
CA GLU D 183 -26.05 -7.25 32.54
C GLU D 183 -27.55 -7.49 32.71
N LYS D 184 -28.39 -6.49 32.46
CA LYS D 184 -29.83 -6.62 32.65
C LYS D 184 -30.60 -6.81 31.35
N HIS D 185 -29.90 -6.89 30.21
CA HIS D 185 -30.55 -7.04 28.92
C HIS D 185 -29.90 -8.17 28.14
N LYS D 186 -30.71 -8.85 27.33
CA LYS D 186 -30.26 -10.03 26.59
C LYS D 186 -29.98 -9.73 25.11
N VAL D 187 -30.91 -9.07 24.42
CA VAL D 187 -30.84 -8.93 22.98
C VAL D 187 -30.16 -7.60 22.63
N TYR D 188 -29.09 -7.68 21.85
CA TYR D 188 -28.40 -6.50 21.32
C TYR D 188 -28.29 -6.63 19.82
N ALA D 189 -28.63 -5.56 19.10
CA ALA D 189 -28.62 -5.61 17.65
C ALA D 189 -28.42 -4.20 17.09
N CYS D 190 -27.78 -4.15 15.91
CA CYS D 190 -27.66 -2.91 15.14
C CYS D 190 -28.30 -3.10 13.78
N GLU D 191 -29.08 -2.12 13.35
CA GLU D 191 -29.82 -2.16 12.11
C GLU D 191 -29.25 -1.15 11.13
N VAL D 192 -29.18 -1.53 9.86
CA VAL D 192 -28.59 -0.71 8.81
C VAL D 192 -29.64 -0.55 7.72
N THR D 193 -30.25 0.63 7.63
CA THR D 193 -31.21 0.96 6.59
C THR D 193 -30.48 1.69 5.47
N GLN D 194 -30.54 1.12 4.27
CA GLN D 194 -29.86 1.67 3.09
C GLN D 194 -30.80 1.50 1.90
N GLY D 195 -31.58 2.54 1.62
CA GLY D 195 -32.54 2.49 0.53
C GLY D 195 -33.71 1.60 0.82
N THR D 196 -33.80 0.47 0.11
CA THR D 196 -34.90 -0.48 0.26
C THR D 196 -34.48 -1.74 1.01
N THR D 197 -33.32 -1.74 1.65
CA THR D 197 -32.83 -2.91 2.37
C THR D 197 -32.39 -2.53 3.77
N SER D 198 -32.82 -3.30 4.75
CA SER D 198 -32.40 -3.15 6.13
C SER D 198 -31.84 -4.47 6.64
N VAL D 199 -30.66 -4.43 7.24
CA VAL D 199 -30.00 -5.63 7.75
C VAL D 199 -29.73 -5.44 9.24
N THR D 200 -30.14 -6.41 10.04
CA THR D 200 -29.98 -6.38 11.48
C THR D 200 -29.16 -7.58 11.93
N LYS D 201 -28.08 -7.32 12.67
CA LYS D 201 -27.24 -8.36 13.24
C LYS D 201 -27.41 -8.36 14.75
N SER D 202 -27.68 -9.53 15.32
CA SER D 202 -28.04 -9.63 16.73
C SER D 202 -27.13 -10.64 17.42
N PHE D 203 -27.14 -10.57 18.76
CA PHE D 203 -26.53 -11.60 19.60
C PHE D 203 -27.24 -11.58 20.95
N ASN D 204 -27.12 -12.70 21.66
CA ASN D 204 -27.66 -12.83 23.00
C ASN D 204 -26.52 -12.87 24.01
N ARG D 205 -26.68 -12.13 25.11
CA ARG D 205 -25.61 -12.03 26.10
C ARG D 205 -25.30 -13.39 26.71
N GLY D 206 -26.33 -14.20 26.97
CA GLY D 206 -26.09 -15.50 27.57
C GLY D 206 -25.31 -16.43 26.66
N GLU D 207 -25.65 -16.46 25.37
CA GLU D 207 -24.99 -17.34 24.43
C GLU D 207 -23.96 -16.58 23.59
#